data_7Z6B
#
_entry.id   7Z6B
#
_cell.length_a   44.820
_cell.length_b   72.610
_cell.length_c   72.760
_cell.angle_alpha   119.779
_cell.angle_beta   91.640
_cell.angle_gamma   91.824
#
_symmetry.space_group_name_H-M   'P 1'
#
loop_
_entity.id
_entity.type
_entity.pdbx_description
1 polymer Cutinase
2 non-polymer 'CHLORIDE ION'
3 non-polymer 'SODIUM ION'
4 non-polymer 'PHOSPHATE ION'
5 non-polymer (4S)-2-METHYL-2,4-PENTANEDIOL
6 water water
#
_entity_poly.entity_id   1
_entity_poly.type   'polypeptide(L)'
_entity_poly.pdbx_seq_one_letter_code
;MGSSHHHHHHSSGLVPRGSHMMVPCSDCSNGFERGQVPRVDQLESSRGPYSVKTINVSRLARGFGGGTIHYSTESGGQQG
IIAVVPGYVSYESSIQWWGPRLASWGFTVITINTNTIYDQPDNRAGQLSAAIDYVIDKSKDRTSPIYGLVDPNRVGVIGW
SMGGGGSLKLATDRKIDAVIPQAPWYLGLNRFSTITSPTMIIACQADAVAPVSVHASRFYNQIPRTTPKAYFEIALGSHF
CANTGYPSEDILGRNGVAWMKRFIDKDERYTQFLCGQNFDSSLRVSEYRDNCSYY
;
_entity_poly.pdbx_strand_id   A,B,C
#
loop_
_chem_comp.id
_chem_comp.type
_chem_comp.name
_chem_comp.formula
CL non-polymer 'CHLORIDE ION' 'Cl -1'
MPD non-polymer (4S)-2-METHYL-2,4-PENTANEDIOL 'C6 H14 O2'
NA non-polymer 'SODIUM ION' 'Na 1'
PO4 non-polymer 'PHOSPHATE ION' 'O4 P -3'
#
# COMPACT_ATOMS: atom_id res chain seq x y z
N SER A 19 -26.69 20.36 3.35
CA SER A 19 -25.60 19.66 4.09
C SER A 19 -24.63 18.98 3.12
N HIS A 20 -23.50 18.53 3.67
CA HIS A 20 -22.55 17.71 2.95
C HIS A 20 -22.71 16.24 3.36
N MET A 21 -22.58 15.34 2.38
CA MET A 21 -22.74 13.91 2.60
C MET A 21 -21.64 13.43 3.55
N MET A 22 -22.03 12.68 4.58
CA MET A 22 -21.09 12.02 5.48
C MET A 22 -21.41 10.54 5.54
N VAL A 23 -20.36 9.75 5.30
CA VAL A 23 -20.43 8.31 5.31
C VAL A 23 -20.45 7.87 6.78
N PRO A 24 -21.42 7.06 7.23
CA PRO A 24 -21.39 6.58 8.61
C PRO A 24 -20.18 5.66 8.87
N CYS A 25 -19.71 5.67 10.10
CA CYS A 25 -18.81 4.62 10.58
C CYS A 25 -19.58 3.33 10.64
N SER A 26 -19.06 2.29 10.00
CA SER A 26 -19.70 0.99 9.94
C SER A 26 -19.00 -0.04 10.83
N ASP A 27 -18.04 0.43 11.64
CA ASP A 27 -17.30 -0.40 12.60
C ASP A 27 -17.33 0.31 13.96
N CYS A 28 -18.38 1.08 14.25
CA CYS A 28 -18.48 1.83 15.48
C CYS A 28 -19.64 1.40 16.37
N SER A 29 -19.42 1.59 17.67
N SER A 29 -19.42 1.58 17.68
CA SER A 29 -20.44 1.50 18.68
CA SER A 29 -20.45 1.48 18.69
C SER A 29 -20.13 2.51 19.77
C SER A 29 -20.13 2.50 19.78
N ASN A 30 -21.07 2.67 20.73
CA ASN A 30 -20.83 3.51 21.90
C ASN A 30 -20.31 4.89 21.48
N GLY A 31 -20.94 5.45 20.44
CA GLY A 31 -20.50 6.70 19.84
C GLY A 31 -19.55 6.46 18.70
N PHE A 32 -18.27 6.81 18.90
CA PHE A 32 -17.27 6.72 17.87
C PHE A 32 -16.19 5.66 18.20
N GLU A 33 -16.52 4.68 19.04
CA GLU A 33 -15.59 3.63 19.42
C GLU A 33 -15.50 2.65 18.25
N ARG A 34 -14.38 2.72 17.54
CA ARG A 34 -14.21 2.05 16.23
C ARG A 34 -13.35 0.81 16.39
N GLY A 35 -13.82 -0.32 15.88
CA GLY A 35 -13.02 -1.54 15.92
C GLY A 35 -13.05 -2.24 17.27
N GLN A 36 -12.29 -3.33 17.33
CA GLN A 36 -12.14 -4.15 18.49
C GLN A 36 -11.04 -3.58 19.41
N VAL A 37 -11.10 -3.94 20.70
CA VAL A 37 -10.05 -3.53 21.64
C VAL A 37 -8.80 -4.29 21.27
N PRO A 38 -7.66 -3.59 21.07
CA PRO A 38 -6.42 -4.27 20.71
C PRO A 38 -5.66 -4.78 21.93
N ARG A 39 -4.69 -5.62 21.65
CA ARG A 39 -3.62 -5.96 22.61
C ARG A 39 -2.55 -4.88 22.58
N VAL A 40 -1.83 -4.74 23.67
CA VAL A 40 -0.72 -3.79 23.70
C VAL A 40 0.29 -4.00 22.56
N ASP A 41 0.60 -5.26 22.25
CA ASP A 41 1.55 -5.55 21.20
C ASP A 41 1.08 -5.06 19.84
N GLN A 42 -0.25 -5.04 19.61
CA GLN A 42 -0.80 -4.46 18.41
C GLN A 42 -0.61 -2.96 18.38
N LEU A 43 -0.83 -2.31 19.51
CA LEU A 43 -0.57 -0.86 19.60
C LEU A 43 0.89 -0.48 19.37
N GLU A 44 1.80 -1.36 19.77
CA GLU A 44 3.25 -1.19 19.59
C GLU A 44 3.76 -1.51 18.20
N SER A 45 2.94 -2.23 17.40
CA SER A 45 3.36 -2.60 16.06
CA SER A 45 3.28 -2.61 16.04
C SER A 45 3.28 -1.40 15.11
N SER A 46 3.93 -1.50 13.96
CA SER A 46 3.98 -0.37 13.08
C SER A 46 2.64 -0.01 12.43
N ARG A 47 1.68 -0.95 12.43
CA ARG A 47 0.37 -0.73 11.79
C ARG A 47 -0.74 -1.33 12.64
N GLY A 48 -1.86 -0.62 12.67
CA GLY A 48 -3.11 -1.08 13.19
C GLY A 48 -3.88 -1.91 12.18
N PRO A 49 -5.21 -2.03 12.38
CA PRO A 49 -5.99 -3.04 11.66
C PRO A 49 -6.37 -2.65 10.23
N TYR A 50 -6.20 -1.39 9.86
CA TYR A 50 -6.74 -0.89 8.58
C TYR A 50 -5.60 -0.60 7.59
N SER A 51 -5.90 -0.78 6.32
CA SER A 51 -4.95 -0.57 5.25
CA SER A 51 -4.94 -0.56 5.26
C SER A 51 -4.84 0.92 4.93
N VAL A 52 -3.60 1.42 4.83
CA VAL A 52 -3.36 2.84 4.63
C VAL A 52 -3.26 3.16 3.14
N LYS A 53 -4.06 4.14 2.71
CA LYS A 53 -4.03 4.73 1.39
CA LYS A 53 -4.03 4.71 1.39
C LYS A 53 -3.53 6.16 1.54
N THR A 54 -2.99 6.74 0.47
CA THR A 54 -2.41 8.05 0.54
C THR A 54 -2.80 8.91 -0.62
N ILE A 55 -2.80 10.23 -0.38
CA ILE A 55 -3.00 11.25 -1.39
C ILE A 55 -1.87 12.25 -1.20
N ASN A 56 -1.14 12.53 -2.28
CA ASN A 56 -0.14 13.60 -2.25
C ASN A 56 -0.83 14.95 -2.32
N VAL A 57 -0.35 15.88 -1.48
CA VAL A 57 -0.82 17.25 -1.50
C VAL A 57 0.34 18.17 -1.90
N SER A 58 0.23 18.84 -3.05
CA SER A 58 1.33 19.68 -3.48
C SER A 58 1.42 20.96 -2.69
N ARG A 59 2.55 21.64 -2.81
CA ARG A 59 2.79 22.96 -2.15
CA ARG A 59 2.81 22.96 -2.15
C ARG A 59 1.79 24.01 -2.62
N LEU A 60 1.04 23.72 -3.68
CA LEU A 60 0.00 24.67 -4.10
C LEU A 60 -1.20 24.73 -3.14
N ALA A 61 -1.28 23.80 -2.18
CA ALA A 61 -2.32 23.82 -1.17
C ALA A 61 -2.32 25.15 -0.43
N ARG A 62 -3.51 25.59 -0.06
CA ARG A 62 -3.74 26.90 0.62
CA ARG A 62 -3.78 26.89 0.64
C ARG A 62 -3.25 26.86 2.07
N GLY A 63 -2.28 27.74 2.39
CA GLY A 63 -1.95 28.03 3.75
C GLY A 63 -0.87 27.18 4.40
N PHE A 64 -0.28 26.26 3.65
CA PHE A 64 0.80 25.38 4.11
C PHE A 64 1.56 24.85 2.92
N GLY A 65 2.63 24.09 3.18
CA GLY A 65 3.53 23.65 2.15
C GLY A 65 3.26 22.29 1.54
N GLY A 66 2.00 21.85 1.55
CA GLY A 66 1.65 20.52 1.07
C GLY A 66 2.00 19.45 2.06
N GLY A 67 1.94 18.19 1.60
CA GLY A 67 2.23 17.05 2.42
C GLY A 67 1.58 15.79 1.87
N THR A 68 1.11 14.97 2.79
CA THR A 68 0.50 13.69 2.44
C THR A 68 -0.68 13.41 3.34
N ILE A 69 -1.84 13.09 2.72
CA ILE A 69 -2.98 12.62 3.44
C ILE A 69 -2.91 11.10 3.48
N HIS A 70 -3.09 10.53 4.68
CA HIS A 70 -3.11 9.11 4.95
C HIS A 70 -4.50 8.81 5.46
N TYR A 71 -5.13 7.76 4.93
CA TYR A 71 -6.53 7.44 5.28
C TYR A 71 -6.80 5.97 5.03
N SER A 72 -7.84 5.46 5.69
CA SER A 72 -8.32 4.08 5.45
C SER A 72 -9.82 4.22 5.28
N THR A 73 -10.43 3.23 4.60
CA THR A 73 -11.85 3.29 4.21
C THR A 73 -12.68 2.10 4.71
N GLU A 74 -12.08 1.04 5.22
CA GLU A 74 -12.76 -0.23 5.64
C GLU A 74 -13.87 0.07 6.62
N SER A 75 -13.63 1.01 7.54
CA SER A 75 -14.53 1.22 8.68
C SER A 75 -15.55 2.30 8.45
N GLY A 76 -15.59 2.87 7.23
CA GLY A 76 -16.53 3.95 6.94
C GLY A 76 -15.98 5.25 7.51
N GLY A 77 -16.89 6.22 7.62
CA GLY A 77 -16.52 7.60 7.89
C GLY A 77 -16.61 7.99 9.36
N GLN A 78 -16.98 9.26 9.61
CA GLN A 78 -16.94 9.86 10.93
C GLN A 78 -15.54 9.85 11.58
N GLN A 79 -14.50 9.87 10.74
CA GLN A 79 -13.12 9.83 11.19
C GLN A 79 -12.64 11.14 11.71
N GLY A 80 -11.91 11.10 12.83
CA GLY A 80 -11.17 12.28 13.29
C GLY A 80 -10.07 12.65 12.33
N ILE A 81 -9.74 13.96 12.33
CA ILE A 81 -8.71 14.52 11.48
C ILE A 81 -7.50 14.90 12.30
N ILE A 82 -6.32 14.53 11.86
CA ILE A 82 -5.08 14.89 12.55
C ILE A 82 -4.11 15.52 11.59
N ALA A 83 -3.51 16.66 11.98
CA ALA A 83 -2.43 17.29 11.19
C ALA A 83 -1.15 17.26 12.00
N VAL A 84 -0.04 17.02 11.29
CA VAL A 84 1.28 16.78 11.86
C VAL A 84 2.30 17.66 11.16
N VAL A 85 3.08 18.41 11.97
CA VAL A 85 4.02 19.43 11.46
C VAL A 85 5.43 19.24 12.00
N PRO A 86 6.45 19.43 11.17
CA PRO A 86 7.84 19.31 11.61
C PRO A 86 8.38 20.61 12.24
N GLY A 87 9.68 20.61 12.47
CA GLY A 87 10.42 21.72 13.11
C GLY A 87 11.21 22.59 12.17
N TYR A 88 11.88 23.58 12.76
CA TYR A 88 12.79 24.49 12.03
C TYR A 88 13.78 23.69 11.20
N VAL A 89 14.02 24.20 10.00
CA VAL A 89 14.95 23.63 9.03
C VAL A 89 14.79 22.15 8.86
N SER A 90 13.52 21.69 8.83
CA SER A 90 13.22 20.28 8.65
CA SER A 90 13.21 20.28 8.65
C SER A 90 11.99 20.10 7.77
N TYR A 91 11.85 18.87 7.28
CA TYR A 91 10.82 18.49 6.30
C TYR A 91 9.88 17.43 6.88
N GLU A 92 8.84 17.15 6.11
CA GLU A 92 7.78 16.19 6.45
C GLU A 92 8.35 14.86 6.93
N SER A 93 9.45 14.38 6.32
CA SER A 93 9.93 13.04 6.69
C SER A 93 10.20 12.89 8.17
N SER A 94 10.63 13.99 8.84
CA SER A 94 10.94 13.92 10.24
CA SER A 94 10.96 13.91 10.24
C SER A 94 9.77 13.45 11.13
N ILE A 95 8.55 13.78 10.71
CA ILE A 95 7.34 13.46 11.45
C ILE A 95 6.41 12.53 10.70
N GLN A 96 6.83 12.03 9.52
CA GLN A 96 5.88 11.36 8.67
CA GLN A 96 5.94 11.30 8.63
C GLN A 96 5.38 10.06 9.28
N TRP A 97 6.14 9.43 10.18
CA TRP A 97 5.72 8.13 10.73
C TRP A 97 4.34 8.16 11.35
N TRP A 98 3.96 9.31 11.90
CA TRP A 98 2.65 9.42 12.54
C TRP A 98 1.52 9.20 11.54
N GLY A 99 1.75 9.54 10.26
CA GLY A 99 0.69 9.45 9.23
C GLY A 99 0.15 8.05 9.06
N PRO A 100 0.99 7.11 8.59
CA PRO A 100 0.48 5.75 8.42
C PRO A 100 0.14 5.08 9.74
N ARG A 101 0.87 5.42 10.81
CA ARG A 101 0.62 4.77 12.12
C ARG A 101 -0.80 5.12 12.55
N LEU A 102 -1.16 6.39 12.57
CA LEU A 102 -2.51 6.76 13.01
C LEU A 102 -3.59 6.44 11.98
N ALA A 103 -3.30 6.56 10.68
CA ALA A 103 -4.32 6.26 9.68
C ALA A 103 -4.75 4.80 9.75
N SER A 104 -3.81 3.93 10.08
CA SER A 104 -4.07 2.50 10.18
C SER A 104 -4.99 2.13 11.35
N TRP A 105 -5.25 3.09 12.22
CA TRP A 105 -6.18 3.03 13.35
C TRP A 105 -7.46 3.84 13.16
N GLY A 106 -7.72 4.32 11.94
CA GLY A 106 -9.00 4.91 11.64
C GLY A 106 -9.14 6.41 11.78
N PHE A 107 -8.01 7.12 11.64
CA PHE A 107 -7.97 8.57 11.53
C PHE A 107 -7.55 8.97 10.12
N THR A 108 -7.97 10.17 9.71
CA THR A 108 -7.47 10.78 8.47
C THR A 108 -6.39 11.80 8.85
N VAL A 109 -5.16 11.53 8.39
CA VAL A 109 -3.98 12.17 8.98
C VAL A 109 -3.20 12.83 7.85
N ILE A 110 -2.95 14.13 7.99
CA ILE A 110 -2.15 14.86 7.03
C ILE A 110 -0.84 15.25 7.68
N THR A 111 0.24 14.78 7.07
CA THR A 111 1.59 15.16 7.49
C THR A 111 2.04 16.24 6.51
N ILE A 112 2.63 17.33 7.02
CA ILE A 112 2.89 18.50 6.19
C ILE A 112 4.34 18.95 6.11
N ASN A 113 4.62 19.66 5.00
CA ASN A 113 5.71 20.61 4.94
C ASN A 113 5.15 22.00 5.22
N THR A 114 6.01 22.89 5.74
CA THR A 114 5.64 24.23 5.99
C THR A 114 5.92 25.11 4.77
N ASN A 115 5.34 26.32 4.76
CA ASN A 115 5.53 27.26 3.67
C ASN A 115 7.02 27.49 3.43
N THR A 116 7.77 27.74 4.51
CA THR A 116 9.21 27.72 4.43
C THR A 116 9.71 26.95 5.63
N ILE A 117 10.94 26.43 5.52
CA ILE A 117 11.53 25.70 6.62
C ILE A 117 11.91 26.59 7.81
N TYR A 118 11.87 27.91 7.61
CA TYR A 118 12.29 28.88 8.64
C TYR A 118 11.11 29.37 9.46
N ASP A 119 9.91 28.88 9.18
CA ASP A 119 8.71 29.38 9.81
C ASP A 119 8.75 29.13 11.34
N GLN A 120 8.27 30.13 12.10
CA GLN A 120 8.31 30.13 13.55
C GLN A 120 7.06 29.48 14.15
N PRO A 121 7.01 29.23 15.47
CA PRO A 121 5.94 28.45 16.05
C PRO A 121 4.54 28.99 15.77
N ASP A 122 4.30 30.28 15.91
CA ASP A 122 2.93 30.76 15.74
C ASP A 122 2.49 30.59 14.28
N ASN A 123 3.42 30.75 13.35
CA ASN A 123 3.17 30.55 11.92
C ASN A 123 2.86 29.07 11.68
N ARG A 124 3.62 28.18 12.30
CA ARG A 124 3.37 26.71 12.22
C ARG A 124 1.99 26.38 12.81
N ALA A 125 1.51 27.04 13.85
CA ALA A 125 0.16 26.85 14.37
C ALA A 125 -0.87 27.16 13.31
N GLY A 126 -0.71 28.28 12.59
CA GLY A 126 -1.66 28.61 11.54
C GLY A 126 -1.65 27.63 10.41
N GLN A 127 -0.50 27.02 10.14
CA GLN A 127 -0.36 26.04 9.06
C GLN A 127 -1.00 24.71 9.45
N LEU A 128 -0.90 24.31 10.72
CA LEU A 128 -1.64 23.15 11.20
C LEU A 128 -3.14 23.39 10.99
N SER A 129 -3.61 24.60 11.31
CA SER A 129 -5.01 24.94 11.18
C SER A 129 -5.44 24.88 9.70
N ALA A 130 -4.61 25.43 8.83
CA ALA A 130 -4.86 25.41 7.40
C ALA A 130 -4.93 23.96 6.87
N ALA A 131 -4.05 23.10 7.37
CA ALA A 131 -4.00 21.72 6.93
C ALA A 131 -5.26 20.94 7.35
N ILE A 132 -5.72 21.17 8.58
CA ILE A 132 -7.00 20.63 9.03
C ILE A 132 -8.08 21.08 8.06
N ASP A 133 -8.13 22.39 7.79
CA ASP A 133 -9.19 22.93 6.94
C ASP A 133 -9.12 22.40 5.53
N TYR A 134 -7.93 22.11 5.05
CA TYR A 134 -7.72 21.52 3.71
C TYR A 134 -8.38 20.14 3.67
N VAL A 135 -8.16 19.32 4.71
CA VAL A 135 -8.78 18.04 4.78
C VAL A 135 -10.29 18.16 4.81
N ILE A 136 -10.81 19.07 5.63
CA ILE A 136 -12.26 19.28 5.70
C ILE A 136 -12.78 19.65 4.34
N ASP A 137 -12.10 20.56 3.64
CA ASP A 137 -12.53 20.98 2.31
C ASP A 137 -12.57 19.77 1.33
N LYS A 138 -11.50 18.97 1.34
CA LYS A 138 -11.45 17.80 0.48
C LYS A 138 -12.55 16.79 0.81
N SER A 139 -12.94 16.72 2.09
CA SER A 139 -14.01 15.81 2.45
C SER A 139 -15.37 16.23 1.87
N LYS A 140 -15.47 17.47 1.39
CA LYS A 140 -16.68 17.98 0.75
C LYS A 140 -16.60 17.94 -0.78
N ASP A 141 -15.49 17.42 -1.31
CA ASP A 141 -15.19 17.42 -2.74
C ASP A 141 -15.51 16.03 -3.26
N ARG A 142 -16.56 15.94 -4.07
CA ARG A 142 -17.07 14.66 -4.63
CA ARG A 142 -17.07 14.65 -4.60
C ARG A 142 -15.98 13.91 -5.40
N THR A 143 -14.93 14.59 -5.85
CA THR A 143 -13.86 13.92 -6.62
C THR A 143 -12.74 13.37 -5.74
N SER A 144 -12.78 13.68 -4.44
CA SER A 144 -11.74 13.24 -3.54
C SER A 144 -12.04 11.85 -2.99
N PRO A 145 -11.01 11.01 -2.83
CA PRO A 145 -11.17 9.73 -2.15
C PRO A 145 -11.69 9.84 -0.71
N ILE A 146 -11.45 10.97 -0.05
CA ILE A 146 -11.93 11.18 1.32
C ILE A 146 -13.27 11.87 1.41
N TYR A 147 -13.99 12.01 0.30
CA TYR A 147 -15.35 12.55 0.30
C TYR A 147 -16.19 11.84 1.36
N GLY A 148 -16.75 12.63 2.25
CA GLY A 148 -17.58 12.14 3.32
C GLY A 148 -16.97 11.31 4.42
N LEU A 149 -15.64 11.21 4.45
CA LEU A 149 -14.99 10.27 5.36
C LEU A 149 -14.75 10.82 6.79
N VAL A 150 -14.75 12.14 6.93
CA VAL A 150 -14.26 12.77 8.14
C VAL A 150 -15.38 13.43 8.95
N ASP A 151 -15.10 13.60 10.22
CA ASP A 151 -15.92 14.40 11.16
C ASP A 151 -15.19 15.70 11.44
N PRO A 152 -15.59 16.83 10.80
CA PRO A 152 -14.86 18.08 11.01
C PRO A 152 -14.89 18.55 12.46
N ASN A 153 -15.77 18.00 13.28
CA ASN A 153 -15.86 18.40 14.66
CA ASN A 153 -15.87 18.39 14.68
C ASN A 153 -14.83 17.73 15.59
N ARG A 154 -14.03 16.80 15.06
CA ARG A 154 -13.08 16.01 15.90
C ARG A 154 -11.70 16.09 15.25
N VAL A 155 -10.80 16.89 15.85
CA VAL A 155 -9.52 17.18 15.25
CA VAL A 155 -9.53 17.19 15.25
C VAL A 155 -8.40 17.13 16.27
N GLY A 156 -7.22 16.74 15.80
CA GLY A 156 -6.02 16.74 16.64
C GLY A 156 -4.82 17.19 15.89
N VAL A 157 -3.76 17.58 16.66
CA VAL A 157 -2.53 18.01 16.06
C VAL A 157 -1.34 17.41 16.78
N ILE A 158 -0.25 17.25 16.02
CA ILE A 158 1.01 16.72 16.48
C ILE A 158 2.07 17.60 15.86
N GLY A 159 3.11 17.92 16.64
CA GLY A 159 4.19 18.74 16.07
C GLY A 159 5.49 18.53 16.78
N TRP A 160 6.58 18.64 16.02
CA TRP A 160 7.95 18.50 16.56
C TRP A 160 8.62 19.85 16.66
N SER A 161 9.20 20.12 17.85
CA SER A 161 10.16 21.23 18.02
C SER A 161 9.39 22.56 17.94
N MET A 162 9.75 23.49 17.06
CA MET A 162 8.91 24.67 16.89
C MET A 162 7.49 24.30 16.47
N GLY A 163 7.35 23.17 15.74
CA GLY A 163 6.03 22.65 15.40
C GLY A 163 5.25 22.16 16.62
N GLY A 164 5.95 21.63 17.61
CA GLY A 164 5.37 21.27 18.90
C GLY A 164 4.87 22.52 19.66
N GLY A 165 5.71 23.57 19.69
CA GLY A 165 5.24 24.85 20.21
C GLY A 165 3.99 25.31 19.48
N GLY A 166 4.02 25.20 18.14
CA GLY A 166 2.86 25.58 17.35
C GLY A 166 1.61 24.79 17.69
N SER A 167 1.78 23.49 17.99
CA SER A 167 0.64 22.66 18.30
C SER A 167 -0.03 23.11 19.60
N LEU A 168 0.78 23.50 20.61
CA LEU A 168 0.27 24.03 21.87
C LEU A 168 -0.41 25.39 21.64
N LYS A 169 0.21 26.25 20.83
CA LYS A 169 -0.38 27.56 20.50
CA LYS A 169 -0.38 27.56 20.50
C LYS A 169 -1.74 27.40 19.85
N LEU A 170 -1.84 26.48 18.89
CA LEU A 170 -3.10 26.31 18.16
C LEU A 170 -4.23 25.91 19.12
N ALA A 171 -3.93 25.09 20.12
CA ALA A 171 -4.92 24.65 21.09
C ALA A 171 -5.55 25.77 21.87
N THR A 172 -4.83 26.91 21.95
CA THR A 172 -5.30 28.11 22.59
C THR A 172 -6.15 29.01 21.67
N ASP A 173 -6.15 28.74 20.35
CA ASP A 173 -6.81 29.57 19.33
C ASP A 173 -7.98 28.89 18.65
N ARG A 174 -8.04 27.57 18.73
CA ARG A 174 -9.04 26.75 18.03
C ARG A 174 -9.45 25.58 18.93
N LYS A 175 -10.67 25.06 18.77
CA LYS A 175 -11.11 23.89 19.52
C LYS A 175 -10.40 22.64 18.93
N ILE A 176 -9.49 22.09 19.73
CA ILE A 176 -8.70 20.97 19.38
C ILE A 176 -8.93 19.83 20.37
N ASP A 177 -9.30 18.64 19.87
CA ASP A 177 -9.62 17.54 20.75
C ASP A 177 -8.41 16.82 21.37
N ALA A 178 -7.22 16.95 20.76
CA ALA A 178 -6.03 16.28 21.29
C ALA A 178 -4.81 16.87 20.66
N VAL A 179 -3.73 16.98 21.47
CA VAL A 179 -2.47 17.58 21.06
C VAL A 179 -1.33 16.68 21.49
N ILE A 180 -0.37 16.43 20.58
CA ILE A 180 0.86 15.73 20.89
C ILE A 180 2.06 16.57 20.47
N PRO A 181 2.59 17.43 21.35
CA PRO A 181 3.84 18.13 21.10
C PRO A 181 5.01 17.19 21.40
N GLN A 182 5.91 17.02 20.43
CA GLN A 182 7.11 16.20 20.65
C GLN A 182 8.34 17.11 20.62
N ALA A 183 9.16 16.96 21.65
CA ALA A 183 10.35 17.81 21.86
C ALA A 183 9.97 19.25 21.58
N PRO A 184 8.88 19.77 22.19
CA PRO A 184 8.39 21.09 21.81
C PRO A 184 9.37 22.22 22.23
N TRP A 185 9.31 23.28 21.46
CA TRP A 185 10.06 24.50 21.70
C TRP A 185 9.07 25.64 21.55
N TYR A 186 9.08 26.57 22.51
CA TYR A 186 8.28 27.81 22.45
C TYR A 186 8.99 28.88 23.29
N LEU A 187 9.02 30.12 22.81
CA LEU A 187 9.66 31.20 23.49
CA LEU A 187 9.65 31.20 23.49
C LEU A 187 8.66 32.34 23.60
N GLY A 188 8.52 32.87 24.81
CA GLY A 188 7.74 34.08 25.01
C GLY A 188 6.42 33.83 25.71
N LEU A 189 5.60 34.87 25.71
CA LEU A 189 4.30 34.84 26.34
C LEU A 189 3.46 33.75 25.70
N ASN A 190 2.67 33.07 26.53
CA ASN A 190 1.81 32.01 26.05
C ASN A 190 0.57 31.90 26.88
N ARG A 191 -0.43 31.20 26.35
CA ARG A 191 -1.73 30.94 27.04
CA ARG A 191 -1.72 30.94 27.03
C ARG A 191 -1.78 29.45 27.44
N PHE A 192 -0.64 28.81 27.64
CA PHE A 192 -0.64 27.38 27.96
C PHE A 192 -1.30 27.07 29.31
N SER A 193 -1.34 28.07 30.20
CA SER A 193 -2.06 27.98 31.47
C SER A 193 -3.57 27.80 31.33
N THR A 194 -4.09 27.94 30.09
CA THR A 194 -5.53 27.82 29.84
C THR A 194 -5.89 26.71 28.84
N ILE A 195 -4.91 25.88 28.45
CA ILE A 195 -5.19 24.81 27.49
C ILE A 195 -6.20 23.82 28.08
N THR A 196 -7.26 23.53 27.30
CA THR A 196 -8.27 22.55 27.66
C THR A 196 -8.25 21.31 26.76
N SER A 197 -7.36 21.29 25.78
CA SER A 197 -7.19 20.11 24.91
CA SER A 197 -7.18 20.12 24.91
C SER A 197 -6.33 19.07 25.61
N PRO A 198 -6.77 17.79 25.68
CA PRO A 198 -5.91 16.73 26.18
C PRO A 198 -4.55 16.73 25.46
N THR A 199 -3.46 16.86 26.21
CA THR A 199 -2.13 17.06 25.67
C THR A 199 -1.15 16.05 26.23
N MET A 200 -0.55 15.28 25.32
N MET A 200 -0.56 15.27 25.31
CA MET A 200 0.51 14.35 25.62
CA MET A 200 0.51 14.36 25.65
C MET A 200 1.82 14.91 25.10
C MET A 200 1.82 14.91 25.10
N ILE A 201 2.66 15.43 26.00
CA ILE A 201 3.97 15.94 25.61
C ILE A 201 4.96 14.79 25.61
N ILE A 202 5.66 14.63 24.48
CA ILE A 202 6.78 13.71 24.36
C ILE A 202 8.03 14.56 24.54
N ALA A 203 8.85 14.14 25.49
CA ALA A 203 10.06 14.86 25.85
C ALA A 203 11.27 13.94 25.59
N CYS A 204 12.41 14.56 25.30
CA CYS A 204 13.65 13.83 25.00
C CYS A 204 14.65 14.25 26.08
N GLN A 205 14.98 13.30 26.96
CA GLN A 205 15.63 13.64 28.22
C GLN A 205 16.89 14.50 28.07
N ALA A 206 17.73 14.14 27.10
CA ALA A 206 19.06 14.78 26.89
C ALA A 206 19.01 15.94 25.88
N ASP A 207 17.81 16.41 25.55
CA ASP A 207 17.61 17.43 24.54
C ASP A 207 18.46 18.68 24.86
N ALA A 208 19.34 19.06 23.93
CA ALA A 208 20.15 20.24 24.05
C ALA A 208 19.66 21.40 23.19
N VAL A 209 18.62 21.16 22.38
CA VAL A 209 18.08 22.17 21.52
C VAL A 209 16.85 22.84 22.16
N ALA A 210 15.97 22.01 22.74
CA ALA A 210 14.80 22.48 23.48
C ALA A 210 14.87 21.79 24.83
N PRO A 211 15.80 22.21 25.71
CA PRO A 211 16.00 21.51 26.97
C PRO A 211 14.67 21.32 27.71
N VAL A 212 14.44 20.11 28.22
CA VAL A 212 13.14 19.82 28.83
C VAL A 212 12.87 20.71 30.06
N SER A 213 13.93 21.12 30.78
CA SER A 213 13.76 21.97 31.92
C SER A 213 13.20 23.36 31.59
N VAL A 214 13.40 23.79 30.35
CA VAL A 214 12.98 25.08 29.86
C VAL A 214 11.66 25.02 29.07
N HIS A 215 11.52 23.93 28.30
CA HIS A 215 10.44 23.75 27.33
C HIS A 215 9.49 22.65 27.81
N ALA A 216 9.68 21.42 27.35
CA ALA A 216 8.66 20.36 27.55
C ALA A 216 8.11 20.26 28.97
N SER A 217 8.98 20.18 29.98
CA SER A 217 8.55 19.98 31.35
C SER A 217 7.77 21.18 31.85
N ARG A 218 8.25 22.38 31.54
N ARG A 218 8.27 22.30 31.60
CA ARG A 218 7.58 23.64 31.94
CA ARG A 218 7.60 23.56 32.00
C ARG A 218 6.17 23.68 31.30
C ARG A 218 6.19 23.60 31.36
N PHE A 219 6.07 23.37 30.03
CA PHE A 219 4.78 23.41 29.38
C PHE A 219 3.81 22.43 30.00
N TYR A 220 4.25 21.21 30.29
CA TYR A 220 3.41 20.20 30.96
C TYR A 220 2.91 20.77 32.28
N ASN A 221 3.81 21.35 33.06
CA ASN A 221 3.43 21.87 34.34
C ASN A 221 2.46 23.05 34.27
N GLN A 222 2.49 23.82 33.18
CA GLN A 222 1.56 24.93 33.02
C GLN A 222 0.10 24.54 32.83
N ILE A 223 -0.14 23.41 32.16
CA ILE A 223 -1.45 23.06 31.66
C ILE A 223 -2.38 22.77 32.83
N PRO A 224 -3.65 23.27 32.79
CA PRO A 224 -4.60 23.03 33.86
C PRO A 224 -4.63 21.58 34.39
N ARG A 225 -4.76 21.45 35.70
CA ARG A 225 -4.89 20.10 36.33
C ARG A 225 -6.10 19.35 35.78
N THR A 226 -7.18 20.05 35.43
CA THR A 226 -8.35 19.35 34.93
C THR A 226 -8.28 18.96 33.45
N THR A 227 -7.26 19.41 32.73
CA THR A 227 -7.07 19.03 31.36
C THR A 227 -6.27 17.73 31.33
N PRO A 228 -6.79 16.65 30.74
CA PRO A 228 -6.00 15.43 30.64
C PRO A 228 -4.62 15.70 30.00
N LYS A 229 -3.59 15.17 30.62
CA LYS A 229 -2.26 15.40 30.16
C LYS A 229 -1.34 14.24 30.51
N ALA A 230 -0.23 14.18 29.79
CA ALA A 230 0.84 13.24 30.03
C ALA A 230 2.15 13.83 29.59
N TYR A 231 3.20 13.33 30.24
CA TYR A 231 4.62 13.71 29.98
C TYR A 231 5.38 12.40 29.82
N PHE A 232 5.77 12.13 28.59
CA PHE A 232 6.40 10.84 28.21
C PHE A 232 7.85 11.18 27.85
N GLU A 233 8.79 10.95 28.75
CA GLU A 233 10.19 11.32 28.51
C GLU A 233 11.03 10.10 28.17
N ILE A 234 11.64 10.18 27.00
CA ILE A 234 12.52 9.14 26.48
C ILE A 234 13.93 9.29 27.05
N ALA A 235 14.38 8.25 27.74
CA ALA A 235 15.69 8.24 28.39
C ALA A 235 16.79 8.50 27.37
N LEU A 236 17.69 9.42 27.72
CA LEU A 236 18.88 9.75 26.91
C LEU A 236 18.57 10.37 25.58
N GLY A 237 17.29 10.73 25.35
CA GLY A 237 16.94 11.15 24.00
C GLY A 237 17.50 12.49 23.60
N SER A 238 17.99 12.57 22.35
CA SER A 238 18.31 13.85 21.72
C SER A 238 17.06 14.55 21.30
N HIS A 239 17.19 15.76 20.75
CA HIS A 239 16.07 16.52 20.24
C HIS A 239 15.26 15.76 19.16
N PHE A 240 15.91 14.79 18.50
CA PHE A 240 15.34 14.03 17.40
C PHE A 240 14.66 12.75 17.88
N CYS A 241 14.55 12.52 19.20
CA CYS A 241 14.25 11.20 19.71
C CYS A 241 12.85 10.64 19.38
N ALA A 242 11.94 11.49 18.91
CA ALA A 242 10.59 11.06 18.59
C ALA A 242 10.34 11.07 17.08
N ASN A 243 11.38 11.20 16.27
CA ASN A 243 11.22 11.33 14.83
CA ASN A 243 11.24 11.34 14.83
C ASN A 243 11.13 10.00 14.12
N THR A 244 10.80 10.07 12.84
CA THR A 244 10.68 8.88 12.02
C THR A 244 11.97 8.08 12.06
N GLY A 245 11.85 6.78 12.32
CA GLY A 245 13.01 5.91 12.28
C GLY A 245 13.80 5.81 13.55
N TYR A 246 13.42 6.56 14.56
CA TYR A 246 14.13 6.53 15.85
C TYR A 246 13.61 5.34 16.67
N PRO A 247 14.37 4.93 17.69
CA PRO A 247 14.16 3.63 18.28
C PRO A 247 12.94 3.48 19.20
N SER A 248 12.22 4.57 19.46
CA SER A 248 11.06 4.53 20.33
C SER A 248 9.75 4.65 19.59
N GLU A 249 9.75 4.47 18.26
CA GLU A 249 8.50 4.53 17.47
C GLU A 249 7.46 3.56 18.06
N ASP A 250 7.93 2.38 18.46
CA ASP A 250 7.03 1.38 19.01
C ASP A 250 6.21 1.93 20.19
N ILE A 251 6.90 2.43 21.22
CA ILE A 251 6.25 2.82 22.46
C ILE A 251 5.63 4.20 22.39
N LEU A 252 6.26 5.12 21.67
CA LEU A 252 5.66 6.42 21.46
C LEU A 252 4.38 6.28 20.67
N GLY A 253 4.39 5.47 19.61
CA GLY A 253 3.21 5.25 18.80
C GLY A 253 2.09 4.52 19.56
N ARG A 254 2.44 3.60 20.45
CA ARG A 254 1.46 2.94 21.34
C ARG A 254 0.69 4.00 22.11
N ASN A 255 1.43 4.88 22.82
CA ASN A 255 0.75 5.88 23.62
C ASN A 255 0.04 6.91 22.74
N GLY A 256 0.61 7.26 21.58
CA GLY A 256 -0.01 8.25 20.72
C GLY A 256 -1.31 7.76 20.10
N VAL A 257 -1.31 6.49 19.65
CA VAL A 257 -2.53 5.92 19.11
C VAL A 257 -3.58 5.88 20.24
N ALA A 258 -3.20 5.41 21.44
CA ALA A 258 -4.14 5.39 22.54
C ALA A 258 -4.67 6.76 22.87
N TRP A 259 -3.77 7.78 22.84
CA TRP A 259 -4.17 9.15 23.13
C TRP A 259 -5.22 9.63 22.15
N MET A 260 -4.98 9.41 20.86
CA MET A 260 -5.93 9.87 19.84
C MET A 260 -7.25 9.08 19.88
N LYS A 261 -7.16 7.78 20.11
CA LYS A 261 -8.36 7.00 20.32
C LYS A 261 -9.17 7.56 21.52
N ARG A 262 -8.49 7.79 22.64
CA ARG A 262 -9.18 8.20 23.87
C ARG A 262 -9.77 9.60 23.69
N PHE A 263 -9.04 10.54 23.10
CA PHE A 263 -9.45 11.93 23.13
C PHE A 263 -10.03 12.52 21.87
N ILE A 264 -9.71 11.94 20.70
CA ILE A 264 -10.39 12.29 19.47
C ILE A 264 -11.65 11.43 19.27
N ASP A 265 -11.53 10.12 19.44
CA ASP A 265 -12.70 9.27 19.35
C ASP A 265 -13.51 9.19 20.62
N LYS A 266 -12.99 9.75 21.73
CA LYS A 266 -13.69 9.68 23.03
C LYS A 266 -13.83 8.23 23.49
N ASP A 267 -12.90 7.38 23.04
CA ASP A 267 -13.04 5.93 23.22
C ASP A 267 -12.43 5.50 24.56
N GLU A 268 -13.32 5.29 25.52
N GLU A 268 -13.29 5.30 25.56
CA GLU A 268 -13.02 4.97 26.89
CA GLU A 268 -12.76 5.04 26.88
C GLU A 268 -12.27 3.65 27.08
C GLU A 268 -12.24 3.64 27.09
N ARG A 269 -12.34 2.79 26.06
CA ARG A 269 -11.67 1.48 26.10
C ARG A 269 -10.15 1.66 26.09
N TYR A 270 -9.67 2.86 25.75
CA TYR A 270 -8.21 3.08 25.58
C TYR A 270 -7.57 3.70 26.84
N THR A 271 -8.37 4.10 27.82
CA THR A 271 -7.80 4.66 29.03
C THR A 271 -6.86 3.63 29.70
N GLN A 272 -7.20 2.34 29.61
CA GLN A 272 -6.43 1.27 30.21
C GLN A 272 -4.98 1.22 29.73
N PHE A 273 -4.72 1.72 28.50
CA PHE A 273 -3.38 1.70 27.91
C PHE A 273 -2.54 2.90 28.38
N LEU A 274 -3.19 3.90 28.95
CA LEU A 274 -2.56 5.15 29.33
C LEU A 274 -2.34 5.33 30.83
N CYS A 275 -3.08 4.58 31.65
CA CYS A 275 -3.19 4.81 33.07
C CYS A 275 -2.81 3.59 33.87
N GLY A 276 -2.11 3.83 35.00
CA GLY A 276 -1.68 2.79 35.89
C GLY A 276 -0.58 1.88 35.36
N GLN A 277 0.18 2.35 34.37
CA GLN A 277 1.17 1.54 33.69
C GLN A 277 2.60 1.62 34.22
N ASN A 278 2.90 2.60 35.08
CA ASN A 278 4.27 2.82 35.59
C ASN A 278 5.33 2.72 34.47
N PHE A 279 5.11 3.51 33.42
CA PHE A 279 5.88 3.41 32.19
C PHE A 279 7.37 3.62 32.44
N ASP A 280 7.72 4.47 33.40
CA ASP A 280 9.12 4.75 33.67
C ASP A 280 9.86 3.65 34.42
N SER A 281 9.21 2.52 34.70
CA SER A 281 9.94 1.34 35.17
C SER A 281 10.91 0.82 34.10
N SER A 282 10.59 1.06 32.82
CA SER A 282 11.47 0.68 31.71
C SER A 282 12.68 1.59 31.63
N LEU A 283 13.83 1.00 31.37
CA LEU A 283 15.07 1.74 31.15
CA LEU A 283 15.06 1.75 31.15
C LEU A 283 14.96 2.75 29.98
N ARG A 284 14.02 2.53 29.07
CA ARG A 284 13.81 3.38 27.87
C ARG A 284 13.09 4.69 28.20
N VAL A 285 12.41 4.74 29.35
CA VAL A 285 11.53 5.83 29.68
C VAL A 285 12.04 6.43 30.98
N SER A 286 12.65 7.61 30.88
CA SER A 286 13.25 8.21 32.07
C SER A 286 12.23 8.80 33.05
N GLU A 287 11.10 9.26 32.53
CA GLU A 287 10.06 9.81 33.39
C GLU A 287 8.74 9.70 32.65
N TYR A 288 7.69 9.40 33.41
CA TYR A 288 6.31 9.48 32.88
C TYR A 288 5.44 10.15 33.94
N ARG A 289 4.78 11.23 33.53
CA ARG A 289 3.81 11.92 34.42
C ARG A 289 2.43 11.82 33.77
N ASP A 290 1.42 11.79 34.60
CA ASP A 290 0.04 11.92 34.15
C ASP A 290 -0.84 12.42 35.26
N ASN A 291 -2.02 12.90 34.85
CA ASN A 291 -3.13 13.19 35.76
C ASN A 291 -4.34 12.31 35.46
N CYS A 292 -4.09 10.99 35.41
CA CYS A 292 -5.10 10.00 35.05
C CYS A 292 -6.40 10.08 35.83
N SER A 293 -6.38 10.57 37.07
CA SER A 293 -7.60 10.64 37.82
C SER A 293 -8.59 11.63 37.18
N TYR A 294 -8.12 12.50 36.26
CA TYR A 294 -8.94 13.51 35.56
C TYR A 294 -9.26 13.04 34.13
N TYR A 295 -8.93 11.83 33.73
CA TYR A 295 -9.27 11.34 32.37
C TYR A 295 -10.79 11.01 32.39
N SER B 19 18.88 25.33 -9.58
CA SER B 19 18.40 25.61 -8.20
C SER B 19 17.03 24.97 -7.93
N HIS B 20 16.99 23.64 -7.89
CA HIS B 20 15.78 22.90 -7.55
C HIS B 20 15.88 22.40 -6.10
N MET B 21 14.75 22.46 -5.39
CA MET B 21 14.68 22.06 -3.99
C MET B 21 14.97 20.56 -3.89
N MET B 22 15.86 20.18 -2.97
CA MET B 22 16.13 18.79 -2.65
C MET B 22 15.93 18.57 -1.17
N VAL B 23 15.13 17.56 -0.87
CA VAL B 23 14.80 17.19 0.50
C VAL B 23 15.98 16.39 1.04
N PRO B 24 16.57 16.76 2.19
CA PRO B 24 17.65 15.96 2.74
C PRO B 24 17.17 14.55 3.15
N CYS B 25 18.10 13.60 3.09
CA CYS B 25 17.91 12.32 3.75
C CYS B 25 17.93 12.55 5.24
N SER B 26 16.90 12.10 5.94
CA SER B 26 16.76 12.26 7.37
C SER B 26 17.07 10.97 8.14
N ASP B 27 17.54 9.94 7.43
CA ASP B 27 17.89 8.63 8.01
C ASP B 27 19.28 8.25 7.49
N CYS B 28 20.15 9.26 7.24
CA CYS B 28 21.47 9.00 6.68
C CYS B 28 22.62 9.43 7.57
N SER B 29 23.74 8.72 7.43
N SER B 29 23.75 8.74 7.40
CA SER B 29 25.01 9.11 8.00
CA SER B 29 25.01 9.06 8.04
C SER B 29 26.11 8.64 7.07
C SER B 29 26.11 8.64 7.07
N ASN B 30 27.35 9.06 7.35
CA ASN B 30 28.51 8.58 6.59
C ASN B 30 28.27 8.72 5.09
N GLY B 31 27.74 9.86 4.71
CA GLY B 31 27.34 10.18 3.35
C GLY B 31 25.90 9.84 3.13
N PHE B 32 25.64 8.78 2.35
CA PHE B 32 24.31 8.37 1.96
C PHE B 32 23.93 7.01 2.56
N GLU B 33 24.54 6.60 3.65
CA GLU B 33 24.27 5.32 4.29
C GLU B 33 22.96 5.48 5.05
N ARG B 34 21.90 4.88 4.50
CA ARG B 34 20.51 5.13 4.92
C ARG B 34 20.01 3.96 5.76
N GLY B 35 19.44 4.24 6.94
CA GLY B 35 18.86 3.20 7.76
C GLY B 35 19.86 2.35 8.51
N GLN B 36 19.35 1.35 9.21
CA GLN B 36 20.11 0.45 10.03
C GLN B 36 20.64 -0.71 9.19
N VAL B 37 21.71 -1.37 9.66
CA VAL B 37 22.26 -2.53 8.97
C VAL B 37 21.27 -3.68 9.19
N PRO B 38 20.79 -4.32 8.10
CA PRO B 38 19.84 -5.40 8.23
C PRO B 38 20.49 -6.76 8.49
N ARG B 39 19.65 -7.70 8.87
CA ARG B 39 19.99 -9.13 8.89
C ARG B 39 19.76 -9.70 7.49
N VAL B 40 20.41 -10.81 7.17
CA VAL B 40 20.17 -11.52 5.93
C VAL B 40 18.70 -11.83 5.71
N ASP B 41 17.99 -12.26 6.77
CA ASP B 41 16.58 -12.62 6.59
C ASP B 41 15.73 -11.42 6.16
N GLN B 42 16.11 -10.22 6.60
CA GLN B 42 15.43 -9.01 6.16
C GLN B 42 15.72 -8.74 4.67
N LEU B 43 16.97 -8.93 4.27
CA LEU B 43 17.33 -8.76 2.87
C LEU B 43 16.61 -9.73 1.93
N GLU B 44 16.35 -10.95 2.43
CA GLU B 44 15.68 -12.01 1.69
C GLU B 44 14.17 -11.88 1.68
N SER B 45 13.61 -11.05 2.57
CA SER B 45 12.18 -10.81 2.67
CA SER B 45 12.17 -10.91 2.62
C SER B 45 11.68 -10.02 1.45
N SER B 46 10.40 -10.09 1.16
CA SER B 46 9.93 -9.37 -0.02
C SER B 46 9.93 -7.85 0.13
N ARG B 47 10.04 -7.35 1.35
CA ARG B 47 10.05 -5.90 1.59
C ARG B 47 11.09 -5.53 2.64
N GLY B 48 11.73 -4.39 2.41
CA GLY B 48 12.63 -3.74 3.35
C GLY B 48 11.84 -2.89 4.33
N PRO B 49 12.53 -1.93 4.98
CA PRO B 49 11.93 -1.21 6.09
C PRO B 49 10.92 -0.12 5.76
N TYR B 50 10.81 0.27 4.50
CA TYR B 50 10.01 1.47 4.13
C TYR B 50 8.77 1.05 3.34
N SER B 51 7.70 1.82 3.52
CA SER B 51 6.44 1.57 2.85
CA SER B 51 6.44 1.56 2.84
C SER B 51 6.49 2.07 1.41
N VAL B 52 6.03 1.23 0.47
CA VAL B 52 6.08 1.54 -0.93
C VAL B 52 4.82 2.23 -1.41
N LYS B 53 5.01 3.40 -2.02
CA LYS B 53 3.97 4.14 -2.71
CA LYS B 53 3.97 4.15 -2.68
C LYS B 53 4.25 4.06 -4.20
N THR B 54 3.22 4.25 -5.02
CA THR B 54 3.38 4.12 -6.45
C THR B 54 2.69 5.22 -7.21
N ILE B 55 3.23 5.51 -8.39
CA ILE B 55 2.67 6.43 -9.36
C ILE B 55 2.63 5.70 -10.71
N ASN B 56 1.45 5.64 -11.31
CA ASN B 56 1.35 5.14 -12.67
C ASN B 56 1.86 6.16 -13.68
N VAL B 57 2.65 5.69 -14.63
CA VAL B 57 3.17 6.51 -15.73
C VAL B 57 2.62 5.98 -17.04
N SER B 58 1.84 6.79 -17.75
CA SER B 58 1.26 6.30 -18.99
C SER B 58 2.27 6.31 -20.12
N ARG B 59 1.91 5.65 -21.21
CA ARG B 59 2.76 5.59 -22.44
CA ARG B 59 2.75 5.59 -22.44
C ARG B 59 2.96 6.99 -23.04
N LEU B 60 2.23 7.99 -22.55
CA LEU B 60 2.51 9.37 -22.99
C LEU B 60 3.85 9.94 -22.52
N ALA B 61 4.48 9.27 -21.55
CA ALA B 61 5.79 9.67 -21.03
C ALA B 61 6.79 9.76 -22.18
N ARG B 62 7.70 10.73 -22.05
CA ARG B 62 8.73 11.04 -23.07
CA ARG B 62 8.74 11.04 -23.08
C ARG B 62 9.77 9.91 -23.17
N GLY B 63 9.86 9.26 -24.33
CA GLY B 63 10.99 8.42 -24.60
C GLY B 63 10.93 6.95 -24.18
N PHE B 64 9.80 6.54 -23.63
CA PHE B 64 9.58 5.14 -23.24
C PHE B 64 8.10 4.86 -23.15
N GLY B 65 7.75 3.59 -22.84
CA GLY B 65 6.36 3.19 -22.86
C GLY B 65 5.60 3.26 -21.56
N GLY B 66 5.99 4.17 -20.68
CA GLY B 66 5.37 4.31 -19.39
C GLY B 66 5.84 3.21 -18.43
N GLY B 67 5.12 3.09 -17.32
CA GLY B 67 5.44 2.12 -16.30
C GLY B 67 4.90 2.53 -14.96
N THR B 68 5.68 2.23 -13.92
CA THR B 68 5.29 2.50 -12.55
C THR B 68 6.49 3.03 -11.77
N ILE B 69 6.32 4.18 -11.12
CA ILE B 69 7.32 4.70 -10.18
C ILE B 69 6.95 4.15 -8.80
N HIS B 70 7.94 3.58 -8.11
CA HIS B 70 7.85 3.05 -6.78
C HIS B 70 8.77 3.91 -5.91
N TYR B 71 8.27 4.36 -4.76
CA TYR B 71 9.07 5.28 -3.90
C TYR B 71 8.58 5.16 -2.47
N SER B 72 9.44 5.57 -1.56
CA SER B 72 9.11 5.68 -0.15
C SER B 72 9.58 7.06 0.28
N THR B 73 8.95 7.57 1.35
CA THR B 73 9.22 8.95 1.80
C THR B 73 9.68 9.09 3.24
N GLU B 74 9.63 8.02 4.03
CA GLU B 74 9.93 8.05 5.47
C GLU B 74 11.31 8.62 5.73
N SER B 75 12.27 8.26 4.88
CA SER B 75 13.68 8.54 5.14
C SER B 75 14.15 9.84 4.49
N GLY B 76 13.24 10.60 3.89
CA GLY B 76 13.62 11.82 3.21
C GLY B 76 14.22 11.54 1.85
N GLY B 77 14.90 12.54 1.30
CA GLY B 77 15.35 12.54 -0.07
C GLY B 77 16.78 12.04 -0.26
N GLN B 78 17.45 12.62 -1.27
CA GLN B 78 18.77 12.17 -1.73
C GLN B 78 18.79 10.69 -2.17
N GLN B 79 17.63 10.22 -2.69
CA GLN B 79 17.47 8.84 -3.08
C GLN B 79 18.06 8.59 -4.46
N GLY B 80 18.75 7.44 -4.58
CA GLY B 80 19.20 7.00 -5.88
C GLY B 80 17.99 6.59 -6.74
N ILE B 81 18.18 6.71 -8.06
CA ILE B 81 17.16 6.41 -9.05
C ILE B 81 17.53 5.12 -9.75
N ILE B 82 16.54 4.22 -9.94
CA ILE B 82 16.78 2.98 -10.66
C ILE B 82 15.70 2.80 -11.69
N ALA B 83 16.10 2.47 -12.92
CA ALA B 83 15.14 2.12 -13.99
C ALA B 83 15.31 0.66 -14.36
N VAL B 84 14.20 0.00 -14.63
CA VAL B 84 14.13 -1.46 -14.85
C VAL B 84 13.31 -1.74 -16.12
N VAL B 85 13.93 -2.51 -17.02
CA VAL B 85 13.35 -2.76 -18.35
C VAL B 85 13.23 -4.25 -18.65
N PRO B 86 12.13 -4.67 -19.30
CA PRO B 86 11.94 -6.08 -19.65
C PRO B 86 12.63 -6.43 -20.98
N GLY B 87 12.31 -7.62 -21.49
CA GLY B 87 12.89 -8.17 -22.70
C GLY B 87 11.95 -8.16 -23.91
N TYR B 88 12.45 -8.70 -25.02
CA TYR B 88 11.68 -8.84 -26.26
C TYR B 88 10.35 -9.54 -25.98
N VAL B 89 9.31 -9.03 -26.64
CA VAL B 89 7.96 -9.55 -26.59
C VAL B 89 7.48 -9.79 -25.17
N SER B 90 7.85 -8.88 -24.26
CA SER B 90 7.46 -8.94 -22.86
CA SER B 90 7.46 -8.95 -22.86
C SER B 90 7.12 -7.57 -22.32
N TYR B 91 6.44 -7.60 -21.19
CA TYR B 91 5.88 -6.40 -20.54
C TYR B 91 6.51 -6.21 -19.15
N GLU B 92 6.15 -5.08 -18.56
CA GLU B 92 6.62 -4.65 -17.25
C GLU B 92 6.50 -5.74 -16.19
N SER B 93 5.41 -6.52 -16.22
CA SER B 93 5.20 -7.49 -15.15
C SER B 93 6.37 -8.46 -14.99
N SER B 94 7.07 -8.78 -16.08
CA SER B 94 8.18 -9.72 -16.02
CA SER B 94 8.18 -9.73 -16.01
C SER B 94 9.30 -9.26 -15.06
N ILE B 95 9.50 -7.93 -14.95
CA ILE B 95 10.56 -7.35 -14.13
C ILE B 95 10.02 -6.53 -12.98
N GLN B 96 8.69 -6.49 -12.78
CA GLN B 96 8.14 -5.52 -11.87
CA GLN B 96 8.02 -5.61 -11.82
C GLN B 96 8.54 -5.76 -10.42
N TRP B 97 8.92 -6.99 -10.06
CA TRP B 97 9.23 -7.27 -8.65
C TRP B 97 10.33 -6.40 -8.11
N TRP B 98 11.25 -6.00 -8.97
CA TRP B 98 12.36 -5.15 -8.53
C TRP B 98 11.87 -3.80 -8.01
N GLY B 99 10.74 -3.32 -8.49
CA GLY B 99 10.21 -2.00 -8.12
C GLY B 99 9.91 -1.88 -6.66
N PRO B 100 8.94 -2.65 -6.12
CA PRO B 100 8.64 -2.57 -4.70
C PRO B 100 9.81 -3.08 -3.85
N ARG B 101 10.55 -4.06 -4.35
CA ARG B 101 11.65 -4.66 -3.56
C ARG B 101 12.67 -3.56 -3.28
N LEU B 102 13.13 -2.87 -4.32
CA LEU B 102 14.14 -1.81 -4.11
C LEU B 102 13.59 -0.54 -3.51
N ALA B 103 12.36 -0.17 -3.84
CA ALA B 103 11.81 1.07 -3.28
C ALA B 103 11.68 0.96 -1.77
N SER B 104 11.42 -0.24 -1.26
CA SER B 104 11.22 -0.49 0.15
C SER B 104 12.54 -0.34 0.95
N TRP B 105 13.65 -0.23 0.23
CA TRP B 105 15.00 0.02 0.76
C TRP B 105 15.54 1.42 0.44
N GLY B 106 14.67 2.34 0.00
CA GLY B 106 15.04 3.72 -0.08
C GLY B 106 15.59 4.21 -1.41
N PHE B 107 15.22 3.54 -2.50
CA PHE B 107 15.43 3.98 -3.86
C PHE B 107 14.15 4.41 -4.51
N THR B 108 14.25 5.28 -5.51
CA THR B 108 13.10 5.63 -6.34
C THR B 108 13.25 4.83 -7.63
N VAL B 109 12.29 3.93 -7.90
CA VAL B 109 12.49 2.87 -8.87
C VAL B 109 11.35 2.88 -9.88
N ILE B 110 11.69 3.05 -11.15
CA ILE B 110 10.71 3.03 -12.22
C ILE B 110 10.88 1.75 -13.01
N THR B 111 9.80 0.97 -13.04
CA THR B 111 9.71 -0.24 -13.86
C THR B 111 8.95 0.16 -15.12
N ILE B 112 9.47 -0.21 -16.30
CA ILE B 112 8.93 0.31 -17.55
C ILE B 112 8.38 -0.75 -18.52
N ASN B 113 7.45 -0.25 -19.35
CA ASN B 113 7.22 -0.82 -20.66
C ASN B 113 8.02 -0.09 -21.70
N THR B 114 8.37 -0.77 -22.78
CA THR B 114 9.05 -0.17 -23.88
C THR B 114 8.08 0.43 -24.89
N ASN B 115 8.60 1.28 -25.77
CA ASN B 115 7.80 1.89 -26.84
C ASN B 115 7.06 0.82 -27.64
N THR B 116 7.78 -0.23 -28.03
CA THR B 116 7.13 -1.42 -28.58
C THR B 116 7.79 -2.62 -27.95
N ILE B 117 7.08 -3.74 -27.95
CA ILE B 117 7.64 -4.95 -27.38
C ILE B 117 8.76 -5.56 -28.24
N TYR B 118 8.92 -5.05 -29.46
CA TYR B 118 9.93 -5.58 -30.40
C TYR B 118 11.26 -4.82 -30.32
N ASP B 119 11.36 -3.83 -29.44
CA ASP B 119 12.51 -2.99 -29.37
C ASP B 119 13.79 -3.79 -29.04
N GLN B 120 14.89 -3.44 -29.71
CA GLN B 120 16.16 -4.15 -29.62
C GLN B 120 17.00 -3.56 -28.48
N PRO B 121 18.15 -4.18 -28.12
CA PRO B 121 18.90 -3.75 -26.93
C PRO B 121 19.31 -2.28 -26.93
N ASP B 122 19.84 -1.77 -28.04
CA ASP B 122 20.34 -0.38 -27.99
C ASP B 122 19.18 0.60 -27.77
N ASN B 123 18.02 0.29 -28.34
CA ASN B 123 16.80 1.05 -28.16
C ASN B 123 16.35 0.97 -26.72
N ARG B 124 16.42 -0.21 -26.12
CA ARG B 124 16.08 -0.41 -24.68
C ARG B 124 17.06 0.41 -23.81
N ALA B 125 18.33 0.51 -24.16
CA ALA B 125 19.27 1.35 -23.45
C ALA B 125 18.79 2.78 -23.45
N GLY B 126 18.40 3.31 -24.61
CA GLY B 126 17.90 4.66 -24.69
C GLY B 126 16.67 4.90 -23.84
N GLN B 127 15.82 3.88 -23.73
CA GLN B 127 14.58 4.00 -22.96
C GLN B 127 14.87 3.95 -21.46
N LEU B 128 15.85 3.17 -21.03
CA LEU B 128 16.31 3.23 -19.64
C LEU B 128 16.77 4.65 -19.33
N SER B 129 17.53 5.25 -20.25
CA SER B 129 18.05 6.60 -20.05
C SER B 129 16.91 7.60 -19.96
N ALA B 130 15.93 7.44 -20.85
CA ALA B 130 14.74 8.30 -20.86
C ALA B 130 13.97 8.18 -19.57
N ALA B 131 13.85 6.96 -19.05
CA ALA B 131 13.10 6.72 -17.82
C ALA B 131 13.78 7.36 -16.61
N ILE B 132 15.11 7.26 -16.53
CA ILE B 132 15.87 7.97 -15.53
C ILE B 132 15.56 9.46 -15.62
N ASP B 133 15.67 10.00 -16.83
CA ASP B 133 15.47 11.43 -17.04
C ASP B 133 14.06 11.86 -16.66
N TYR B 134 13.08 10.99 -16.90
CA TYR B 134 11.68 11.27 -16.55
C TYR B 134 11.55 11.40 -15.04
N VAL B 135 12.17 10.48 -14.28
CA VAL B 135 12.16 10.59 -12.86
C VAL B 135 12.84 11.89 -12.38
N ILE B 136 13.99 12.20 -12.95
CA ILE B 136 14.65 13.46 -12.64
C ILE B 136 13.74 14.66 -12.90
N ASP B 137 13.07 14.65 -14.03
CA ASP B 137 12.13 15.74 -14.38
C ASP B 137 10.99 15.85 -13.38
N LYS B 138 10.41 14.72 -13.00
CA LYS B 138 9.32 14.74 -12.03
CA LYS B 138 9.32 14.74 -12.03
C LYS B 138 9.80 15.22 -10.67
N SER B 139 11.07 14.94 -10.34
CA SER B 139 11.59 15.39 -9.07
C SER B 139 11.70 16.93 -9.00
N LYS B 140 11.61 17.60 -10.15
CA LYS B 140 11.64 19.06 -10.24
C LYS B 140 10.25 19.67 -10.38
N ASP B 141 9.22 18.82 -10.38
CA ASP B 141 7.83 19.21 -10.60
C ASP B 141 7.17 19.30 -9.25
N ARG B 142 6.89 20.56 -8.87
CA ARG B 142 6.23 20.80 -7.51
CA ARG B 142 6.22 20.81 -7.54
C ARG B 142 4.87 20.04 -7.28
N THR B 143 4.27 19.56 -8.39
CA THR B 143 3.03 18.81 -8.25
C THR B 143 3.22 17.29 -8.09
N SER B 144 4.46 16.84 -8.24
CA SER B 144 4.76 15.41 -8.16
C SER B 144 5.00 14.99 -6.71
N PRO B 145 4.54 13.79 -6.33
CA PRO B 145 4.86 13.23 -5.03
C PRO B 145 6.37 13.04 -4.80
N ILE B 146 7.15 12.89 -5.87
CA ILE B 146 8.59 12.71 -5.72
C ILE B 146 9.39 14.01 -5.86
N TYR B 147 8.71 15.15 -5.78
CA TYR B 147 9.38 16.47 -5.78
C TYR B 147 10.47 16.49 -4.72
N GLY B 148 11.69 16.79 -5.15
CA GLY B 148 12.81 16.88 -4.26
C GLY B 148 13.36 15.60 -3.64
N LEU B 149 12.86 14.45 -4.06
CA LEU B 149 13.15 13.20 -3.34
C LEU B 149 14.46 12.50 -3.80
N VAL B 150 14.90 12.81 -5.02
CA VAL B 150 15.97 12.05 -5.67
C VAL B 150 17.27 12.83 -5.77
N ASP B 151 18.35 12.07 -5.90
CA ASP B 151 19.70 12.57 -6.26
C ASP B 151 19.98 12.22 -7.72
N PRO B 152 19.83 13.17 -8.65
CA PRO B 152 20.06 12.87 -10.07
C PRO B 152 21.47 12.34 -10.36
N ASN B 153 22.42 12.53 -9.43
CA ASN B 153 23.77 12.09 -9.64
CA ASN B 153 23.79 12.09 -9.61
C ASN B 153 24.03 10.64 -9.30
N ARG B 154 23.02 9.92 -8.79
CA ARG B 154 23.19 8.52 -8.35
C ARG B 154 22.09 7.67 -9.00
N VAL B 155 22.47 6.87 -10.00
CA VAL B 155 21.49 6.17 -10.83
CA VAL B 155 21.50 6.19 -10.86
C VAL B 155 21.95 4.76 -11.10
N GLY B 156 20.99 3.85 -11.26
CA GLY B 156 21.25 2.47 -11.60
C GLY B 156 20.22 1.94 -12.55
N VAL B 157 20.57 0.82 -13.22
CA VAL B 157 19.65 0.19 -14.15
C VAL B 157 19.67 -1.32 -13.97
N ILE B 158 18.54 -1.92 -14.30
CA ILE B 158 18.30 -3.36 -14.27
C ILE B 158 17.57 -3.70 -15.56
N GLY B 159 17.93 -4.83 -16.17
CA GLY B 159 17.19 -5.24 -17.35
C GLY B 159 17.26 -6.72 -17.57
N TRP B 160 16.18 -7.25 -18.16
CA TRP B 160 16.07 -8.68 -18.49
C TRP B 160 16.26 -8.88 -20.00
N SER B 161 17.15 -9.83 -20.36
CA SER B 161 17.20 -10.37 -21.73
C SER B 161 17.75 -9.30 -22.67
N MET B 162 17.08 -8.91 -23.74
CA MET B 162 17.54 -7.76 -24.53
C MET B 162 17.64 -6.51 -23.66
N GLY B 163 16.76 -6.39 -22.65
CA GLY B 163 16.85 -5.29 -21.69
C GLY B 163 18.10 -5.34 -20.85
N GLY B 164 18.58 -6.54 -20.53
CA GLY B 164 19.88 -6.74 -19.87
C GLY B 164 21.03 -6.33 -20.77
N GLY B 165 21.00 -6.69 -22.04
CA GLY B 165 21.93 -6.15 -22.99
C GLY B 165 21.90 -4.64 -23.03
N GLY B 166 20.70 -4.07 -23.02
CA GLY B 166 20.54 -2.63 -23.03
C GLY B 166 21.15 -1.99 -21.77
N SER B 167 21.03 -2.67 -20.61
CA SER B 167 21.56 -2.11 -19.38
C SER B 167 23.08 -2.00 -19.46
N LEU B 168 23.74 -3.01 -20.02
CA LEU B 168 25.19 -2.98 -20.24
C LEU B 168 25.57 -1.91 -21.25
N LYS B 169 24.83 -1.80 -22.34
CA LYS B 169 25.09 -0.78 -23.34
CA LYS B 169 25.10 -0.78 -23.35
C LYS B 169 25.01 0.61 -22.74
N LEU B 170 23.97 0.86 -21.95
CA LEU B 170 23.78 2.20 -21.39
C LEU B 170 24.99 2.61 -20.52
N ALA B 171 25.56 1.65 -19.77
CA ALA B 171 26.68 1.91 -18.90
C ALA B 171 27.90 2.40 -19.63
N THR B 172 27.97 2.09 -20.93
CA THR B 172 29.01 2.56 -21.83
C THR B 172 28.77 3.96 -22.42
N ASP B 173 27.54 4.50 -22.26
CA ASP B 173 27.14 5.78 -22.88
C ASP B 173 26.83 6.85 -21.87
N ARG B 174 26.61 6.48 -20.62
CA ARG B 174 26.15 7.38 -19.54
C ARG B 174 26.81 6.96 -18.23
N LYS B 175 27.04 7.90 -17.30
CA LYS B 175 27.54 7.59 -16.00
C LYS B 175 26.44 6.89 -15.18
N ILE B 176 26.66 5.60 -14.93
CA ILE B 176 25.76 4.73 -14.24
C ILE B 176 26.45 4.15 -13.03
N ASP B 177 25.85 4.31 -11.85
CA ASP B 177 26.47 3.85 -10.61
CA ASP B 177 26.48 3.85 -10.62
C ASP B 177 26.37 2.34 -10.35
N ALA B 178 25.39 1.65 -10.95
CA ALA B 178 25.23 0.21 -10.76
C ALA B 178 24.34 -0.33 -11.84
N VAL B 179 24.65 -1.56 -12.25
CA VAL B 179 23.96 -2.26 -13.31
C VAL B 179 23.67 -3.69 -12.87
N ILE B 180 22.42 -4.15 -13.10
CA ILE B 180 22.05 -5.55 -12.89
C ILE B 180 21.39 -6.09 -14.16
N PRO B 181 22.19 -6.70 -15.06
CA PRO B 181 21.64 -7.42 -16.21
C PRO B 181 21.23 -8.82 -15.76
N GLN B 182 19.98 -9.18 -16.04
CA GLN B 182 19.48 -10.53 -15.72
C GLN B 182 19.18 -11.29 -17.01
N ALA B 183 19.75 -12.48 -17.09
CA ALA B 183 19.69 -13.31 -18.30
C ALA B 183 19.94 -12.44 -19.52
N PRO B 184 21.03 -11.64 -19.52
CA PRO B 184 21.23 -10.66 -20.60
C PRO B 184 21.47 -11.33 -21.95
N TRP B 185 21.07 -10.60 -22.99
CA TRP B 185 21.31 -10.96 -24.36
C TRP B 185 21.86 -9.73 -25.06
N TYR B 186 22.94 -9.90 -25.82
CA TYR B 186 23.48 -8.81 -26.66
C TYR B 186 24.23 -9.46 -27.83
N LEU B 187 24.10 -8.88 -29.01
CA LEU B 187 24.77 -9.38 -30.18
CA LEU B 187 24.77 -9.37 -30.18
C LEU B 187 25.52 -8.24 -30.83
N GLY B 188 26.77 -8.49 -31.17
CA GLY B 188 27.56 -7.54 -31.92
C GLY B 188 28.62 -6.83 -31.15
N LEU B 189 29.15 -5.81 -31.81
CA LEU B 189 30.22 -5.01 -31.24
C LEU B 189 29.72 -4.35 -29.98
N ASN B 190 30.59 -4.30 -28.97
CA ASN B 190 30.23 -3.72 -27.65
C ASN B 190 31.48 -3.05 -27.07
N ARG B 191 31.23 -2.19 -26.10
CA ARG B 191 32.30 -1.54 -25.29
CA ARG B 191 32.29 -1.53 -25.30
C ARG B 191 32.31 -2.12 -23.87
N PHE B 192 31.91 -3.36 -23.69
CA PHE B 192 31.80 -3.95 -22.35
C PHE B 192 33.19 -4.10 -21.70
N SER B 193 34.24 -4.18 -22.52
CA SER B 193 35.62 -4.19 -22.06
C SER B 193 36.04 -2.90 -21.33
N THR B 194 35.20 -1.86 -21.36
CA THR B 194 35.51 -0.58 -20.75
C THR B 194 34.48 -0.16 -19.67
N ILE B 195 33.53 -1.04 -19.33
CA ILE B 195 32.51 -0.71 -18.32
C ILE B 195 33.19 -0.44 -16.98
N THR B 196 32.85 0.72 -16.37
CA THR B 196 33.30 1.12 -15.05
C THR B 196 32.20 1.12 -14.01
N SER B 197 30.98 0.81 -14.42
CA SER B 197 29.84 0.70 -13.50
CA SER B 197 29.83 0.71 -13.51
C SER B 197 29.87 -0.65 -12.81
N PRO B 198 29.80 -0.72 -11.47
CA PRO B 198 29.62 -1.99 -10.77
C PRO B 198 28.45 -2.79 -11.34
N THR B 199 28.74 -4.00 -11.80
CA THR B 199 27.80 -4.82 -12.55
C THR B 199 27.64 -6.19 -11.93
N MET B 200 26.39 -6.51 -11.55
N MET B 200 26.39 -6.50 -11.54
CA MET B 200 26.02 -7.82 -11.06
CA MET B 200 26.04 -7.83 -11.07
C MET B 200 25.18 -8.50 -12.12
C MET B 200 25.18 -8.51 -12.12
N ILE B 201 25.78 -9.47 -12.81
CA ILE B 201 25.06 -10.24 -13.81
C ILE B 201 24.39 -11.43 -13.15
N ILE B 202 23.06 -11.52 -13.36
CA ILE B 202 22.29 -12.70 -12.98
C ILE B 202 22.16 -13.58 -14.21
N ALA B 203 22.59 -14.83 -14.05
CA ALA B 203 22.61 -15.80 -15.14
C ALA B 203 21.70 -16.97 -14.78
N CYS B 204 21.12 -17.58 -15.80
CA CYS B 204 20.19 -18.69 -15.65
C CYS B 204 20.85 -19.90 -16.30
N GLN B 205 21.24 -20.87 -15.46
CA GLN B 205 22.20 -21.90 -15.92
C GLN B 205 21.79 -22.61 -17.19
N ALA B 206 20.51 -22.98 -17.26
CA ALA B 206 19.96 -23.80 -18.36
C ALA B 206 19.37 -22.96 -19.51
N ASP B 207 19.67 -21.66 -19.52
CA ASP B 207 19.09 -20.76 -20.48
C ASP B 207 19.38 -21.19 -21.91
N ALA B 208 18.29 -21.42 -22.67
CA ALA B 208 18.36 -21.79 -24.06
C ALA B 208 18.14 -20.63 -25.02
N VAL B 209 17.75 -19.46 -24.48
CA VAL B 209 17.42 -18.29 -25.27
C VAL B 209 18.64 -17.37 -25.37
N ALA B 210 19.29 -17.13 -24.22
CA ALA B 210 20.53 -16.35 -24.13
C ALA B 210 21.54 -17.23 -23.40
N PRO B 211 22.05 -18.28 -24.07
CA PRO B 211 22.90 -19.26 -23.40
C PRO B 211 24.04 -18.54 -22.66
N VAL B 212 24.30 -18.93 -21.41
CA VAL B 212 25.27 -18.22 -20.60
C VAL B 212 26.67 -18.29 -21.17
N SER B 213 27.00 -19.37 -21.89
CA SER B 213 28.30 -19.49 -22.52
C SER B 213 28.56 -18.45 -23.60
N VAL B 214 27.49 -17.91 -24.17
CA VAL B 214 27.56 -16.94 -25.26
C VAL B 214 27.34 -15.50 -24.77
N HIS B 215 26.47 -15.35 -23.78
CA HIS B 215 25.99 -14.08 -23.32
C HIS B 215 26.49 -13.81 -21.90
N ALA B 216 25.71 -14.13 -20.86
CA ALA B 216 26.02 -13.69 -19.50
C ALA B 216 27.48 -13.91 -19.07
N SER B 217 28.02 -15.12 -19.25
CA SER B 217 29.35 -15.45 -18.76
C SER B 217 30.41 -14.67 -19.54
N ARG B 218 30.23 -14.56 -20.85
N ARG B 218 30.25 -14.56 -20.86
CA ARG B 218 31.18 -13.79 -21.72
CA ARG B 218 31.21 -13.81 -21.73
C ARG B 218 31.16 -12.33 -21.29
C ARG B 218 31.24 -12.33 -21.30
N PHE B 219 29.98 -11.75 -21.06
CA PHE B 219 29.92 -10.35 -20.66
C PHE B 219 30.62 -10.13 -19.35
N TYR B 220 30.39 -11.00 -18.38
CA TYR B 220 31.07 -10.90 -17.07
C TYR B 220 32.59 -10.90 -17.28
N ASN B 221 33.07 -11.85 -18.07
CA ASN B 221 34.47 -11.97 -18.30
C ASN B 221 35.09 -10.76 -19.01
N GLN B 222 34.36 -10.02 -19.81
CA GLN B 222 34.85 -8.83 -20.55
C GLN B 222 35.09 -7.63 -19.62
N ILE B 223 34.34 -7.52 -18.54
CA ILE B 223 34.32 -6.27 -17.78
C ILE B 223 35.66 -6.12 -17.04
N PRO B 224 36.23 -4.90 -17.01
CA PRO B 224 37.48 -4.64 -16.30
C PRO B 224 37.60 -5.31 -14.94
N ARG B 225 38.78 -5.85 -14.65
CA ARG B 225 39.08 -6.41 -13.31
C ARG B 225 38.87 -5.37 -12.20
N THR B 226 39.14 -4.10 -12.48
CA THR B 226 38.98 -3.11 -11.42
C THR B 226 37.54 -2.62 -11.22
N THR B 227 36.62 -3.00 -12.10
CA THR B 227 35.24 -2.67 -11.95
C THR B 227 34.60 -3.71 -11.05
N PRO B 228 33.99 -3.34 -9.90
CA PRO B 228 33.29 -4.35 -9.10
C PRO B 228 32.26 -5.12 -9.94
N LYS B 229 32.27 -6.42 -9.80
CA LYS B 229 31.38 -7.25 -10.57
C LYS B 229 31.06 -8.53 -9.82
N ALA B 230 29.96 -9.17 -10.27
CA ALA B 230 29.55 -10.46 -9.76
C ALA B 230 28.78 -11.18 -10.86
N TYR B 231 28.81 -12.51 -10.76
CA TYR B 231 28.13 -13.47 -11.65
C TYR B 231 27.36 -14.42 -10.75
N PHE B 232 26.04 -14.29 -10.76
CA PHE B 232 25.15 -15.02 -9.87
C PHE B 232 24.32 -15.94 -10.75
N GLU B 233 24.69 -17.23 -10.81
CA GLU B 233 24.05 -18.17 -11.69
C GLU B 233 23.11 -19.09 -10.93
N ILE B 234 21.84 -19.03 -11.34
CA ILE B 234 20.76 -19.84 -10.77
C ILE B 234 20.78 -21.23 -11.38
N ALA B 235 20.92 -22.25 -10.52
CA ALA B 235 20.98 -23.64 -10.95
C ALA B 235 19.71 -24.01 -11.69
N LEU B 236 19.90 -24.64 -12.84
CA LEU B 236 18.82 -25.17 -13.68
C LEU B 236 17.91 -24.12 -14.24
N GLY B 237 18.27 -22.84 -14.11
CA GLY B 237 17.33 -21.80 -14.48
C GLY B 237 17.09 -21.68 -15.98
N SER B 238 15.82 -21.53 -16.35
CA SER B 238 15.44 -21.15 -17.70
C SER B 238 15.71 -19.67 -17.89
N HIS B 239 15.49 -19.17 -19.11
CA HIS B 239 15.67 -17.76 -19.42
C HIS B 239 14.85 -16.84 -18.51
N PHE B 240 13.76 -17.37 -17.91
CA PHE B 240 12.81 -16.63 -17.09
C PHE B 240 13.19 -16.64 -15.63
N CYS B 241 14.34 -17.23 -15.28
CA CYS B 241 14.60 -17.59 -13.88
C CYS B 241 14.71 -16.46 -12.86
N ALA B 242 14.87 -15.22 -13.32
CA ALA B 242 14.99 -14.06 -12.45
C ALA B 242 13.78 -13.15 -12.52
N ASN B 243 12.68 -13.64 -13.10
CA ASN B 243 11.49 -12.81 -13.31
C ASN B 243 10.58 -12.81 -12.11
N THR B 244 9.59 -11.91 -12.17
CA THR B 244 8.60 -11.79 -11.10
C THR B 244 7.95 -13.15 -10.84
N GLY B 245 7.87 -13.54 -9.58
CA GLY B 245 7.17 -14.76 -9.20
C GLY B 245 7.98 -16.03 -9.28
N TYR B 246 9.22 -15.94 -9.74
CA TYR B 246 10.09 -17.13 -9.85
C TYR B 246 10.71 -17.42 -8.50
N PRO B 247 11.19 -18.65 -8.30
CA PRO B 247 11.46 -19.14 -6.95
C PRO B 247 12.71 -18.58 -6.28
N SER B 248 13.50 -17.77 -6.97
CA SER B 248 14.72 -17.21 -6.41
C SER B 248 14.63 -15.71 -6.15
N GLU B 249 13.41 -15.16 -6.09
CA GLU B 249 13.22 -13.74 -5.71
C GLU B 249 13.89 -13.43 -4.38
N ASP B 250 13.81 -14.38 -3.44
CA ASP B 250 14.42 -14.19 -2.13
C ASP B 250 15.91 -13.88 -2.23
N ILE B 251 16.67 -14.77 -2.89
CA ILE B 251 18.13 -14.67 -2.90
C ILE B 251 18.64 -13.71 -3.94
N LEU B 252 17.97 -13.61 -5.07
CA LEU B 252 18.37 -12.62 -6.08
C LEU B 252 18.09 -11.23 -5.55
N GLY B 253 16.94 -11.04 -4.89
CA GLY B 253 16.64 -9.72 -4.32
C GLY B 253 17.58 -9.34 -3.17
N ARG B 254 17.99 -10.31 -2.36
CA ARG B 254 18.98 -10.06 -1.29
C ARG B 254 20.24 -9.48 -1.92
N ASN B 255 20.80 -10.15 -2.93
CA ASN B 255 22.01 -9.65 -3.53
C ASN B 255 21.79 -8.34 -4.29
N GLY B 256 20.63 -8.18 -4.95
CA GLY B 256 20.36 -6.96 -5.70
C GLY B 256 20.22 -5.75 -4.78
N VAL B 257 19.50 -5.90 -3.65
CA VAL B 257 19.37 -4.83 -2.69
C VAL B 257 20.78 -4.49 -2.18
N ALA B 258 21.56 -5.49 -1.79
CA ALA B 258 22.92 -5.21 -1.31
C ALA B 258 23.74 -4.51 -2.36
N TRP B 259 23.61 -4.92 -3.61
CA TRP B 259 24.37 -4.33 -4.72
C TRP B 259 24.03 -2.87 -4.86
N MET B 260 22.75 -2.54 -4.85
CA MET B 260 22.36 -1.14 -5.03
C MET B 260 22.69 -0.30 -3.81
N LYS B 261 22.51 -0.86 -2.63
CA LYS B 261 23.01 -0.17 -1.42
C LYS B 261 24.51 0.11 -1.52
N ARG B 262 25.29 -0.89 -1.88
CA ARG B 262 26.76 -0.75 -1.90
C ARG B 262 27.18 0.25 -2.98
N PHE B 263 26.60 0.19 -4.17
CA PHE B 263 27.14 0.92 -5.31
C PHE B 263 26.39 2.17 -5.75
N ILE B 264 25.08 2.24 -5.43
CA ILE B 264 24.35 3.48 -5.60
C ILE B 264 24.47 4.40 -4.37
N ASP B 265 24.25 3.82 -3.18
CA ASP B 265 24.41 4.62 -1.96
C ASP B 265 25.85 4.67 -1.49
N LYS B 266 26.77 3.91 -2.10
CA LYS B 266 28.18 3.88 -1.67
C LYS B 266 28.27 3.36 -0.24
N ASP B 267 27.30 2.53 0.16
CA ASP B 267 27.16 2.12 1.55
C ASP B 267 28.00 0.86 1.84
N GLU B 268 29.18 1.08 2.44
CA GLU B 268 30.09 -0.03 2.62
C GLU B 268 29.72 -1.00 3.70
N ARG B 269 28.63 -0.70 4.42
CA ARG B 269 28.09 -1.67 5.40
C ARG B 269 27.52 -2.88 4.68
N TYR B 270 27.33 -2.79 3.37
CA TYR B 270 26.66 -3.87 2.61
C TYR B 270 27.69 -4.79 1.91
N THR B 271 28.96 -4.47 1.89
CA THR B 271 29.96 -5.32 1.29
C THR B 271 29.93 -6.70 1.95
N GLN B 272 29.66 -6.75 3.26
CA GLN B 272 29.68 -7.99 4.02
C GLN B 272 28.65 -9.02 3.49
N PHE B 273 27.58 -8.52 2.83
CA PHE B 273 26.53 -9.40 2.30
C PHE B 273 26.90 -9.98 0.95
N LEU B 274 27.90 -9.38 0.30
CA LEU B 274 28.27 -9.73 -1.06
C LEU B 274 29.55 -10.55 -1.18
N CYS B 275 30.39 -10.50 -0.16
CA CYS B 275 31.76 -11.00 -0.23
C CYS B 275 32.01 -12.04 0.86
N GLY B 276 32.80 -13.06 0.49
CA GLY B 276 33.14 -14.18 1.34
C GLY B 276 31.99 -15.09 1.73
N GLN B 277 30.96 -15.17 0.88
CA GLN B 277 29.73 -15.90 1.23
C GLN B 277 29.64 -17.35 0.71
N ASN B 278 30.52 -17.75 -0.21
CA ASN B 278 30.40 -19.09 -0.85
C ASN B 278 28.98 -19.42 -1.31
N PHE B 279 28.39 -18.49 -2.07
CA PHE B 279 26.98 -18.60 -2.45
C PHE B 279 26.66 -19.88 -3.18
N ASP B 280 27.59 -20.38 -4.00
CA ASP B 280 27.36 -21.59 -4.77
C ASP B 280 27.40 -22.87 -3.96
N SER B 281 27.63 -22.78 -2.65
CA SER B 281 27.39 -23.96 -1.78
C SER B 281 25.92 -24.42 -1.80
N SER B 282 25.01 -23.46 -2.03
CA SER B 282 23.57 -23.69 -2.13
C SER B 282 23.24 -24.51 -3.36
N LEU B 283 22.33 -25.47 -3.20
CA LEU B 283 21.78 -26.26 -4.29
C LEU B 283 21.17 -25.34 -5.40
N ARG B 284 20.71 -24.16 -5.01
CA ARG B 284 19.97 -23.21 -5.87
CA ARG B 284 19.96 -23.27 -5.93
C ARG B 284 20.93 -22.41 -6.76
N VAL B 285 22.23 -22.38 -6.42
CA VAL B 285 23.16 -21.47 -7.05
C VAL B 285 24.26 -22.31 -7.70
N SER B 286 24.23 -22.43 -9.01
CA SER B 286 25.21 -23.30 -9.67
C SER B 286 26.61 -22.72 -9.74
N GLU B 287 26.73 -21.40 -9.79
CA GLU B 287 28.04 -20.76 -9.82
C GLU B 287 27.87 -19.35 -9.31
N TYR B 288 28.89 -18.89 -8.59
CA TYR B 288 28.99 -17.48 -8.17
C TYR B 288 30.43 -17.02 -8.36
N ARG B 289 30.60 -15.98 -9.15
CA ARG B 289 31.93 -15.34 -9.30
C ARG B 289 31.88 -13.92 -8.77
N ASP B 290 33.00 -13.43 -8.24
CA ASP B 290 33.15 -12.04 -7.88
C ASP B 290 34.62 -11.67 -7.91
N ASN B 291 34.84 -10.36 -7.95
CA ASN B 291 36.14 -9.75 -7.71
C ASN B 291 36.14 -8.87 -6.47
N CYS B 292 35.69 -9.46 -5.35
CA CYS B 292 35.52 -8.76 -4.08
C CYS B 292 36.74 -8.01 -3.59
N SER B 293 37.96 -8.43 -3.98
CA SER B 293 39.11 -7.72 -3.49
C SER B 293 39.16 -6.28 -4.06
N TYR B 294 38.36 -6.00 -5.09
CA TYR B 294 38.26 -4.67 -5.75
C TYR B 294 37.01 -3.91 -5.28
N TYR B 295 36.25 -4.40 -4.31
CA TYR B 295 35.03 -3.72 -3.77
C TYR B 295 35.51 -2.65 -2.75
N SER C 19 -7.57 -4.59 -32.44
CA SER C 19 -8.42 -4.54 -31.21
C SER C 19 -7.76 -3.58 -30.21
N HIS C 20 -7.97 -3.83 -28.92
CA HIS C 20 -7.32 -3.11 -27.84
C HIS C 20 -6.20 -3.99 -27.26
N MET C 21 -5.13 -3.34 -26.81
CA MET C 21 -3.95 -4.01 -26.27
C MET C 21 -4.34 -4.74 -24.98
N MET C 22 -3.94 -6.01 -24.86
CA MET C 22 -4.10 -6.81 -23.66
C MET C 22 -2.75 -7.37 -23.25
N VAL C 23 -2.40 -7.13 -22.00
CA VAL C 23 -1.15 -7.58 -21.41
C VAL C 23 -1.34 -9.05 -21.07
N PRO C 24 -0.44 -9.94 -21.52
CA PRO C 24 -0.57 -11.35 -21.14
C PRO C 24 -0.39 -11.54 -19.63
N CYS C 25 -1.03 -12.56 -19.09
CA CYS C 25 -0.71 -13.07 -17.78
C CYS C 25 0.66 -13.72 -17.88
N SER C 26 1.59 -13.32 -17.01
CA SER C 26 2.93 -13.80 -16.98
C SER C 26 3.17 -14.77 -15.82
N ASP C 27 2.10 -15.19 -15.13
CA ASP C 27 2.15 -16.15 -14.02
C ASP C 27 1.05 -17.17 -14.24
N CYS C 28 0.72 -17.50 -15.49
CA CYS C 28 -0.35 -18.42 -15.82
C CYS C 28 0.08 -19.67 -16.55
N SER C 29 -0.69 -20.74 -16.36
N SER C 29 -0.68 -20.75 -16.35
CA SER C 29 -0.58 -21.95 -17.14
CA SER C 29 -0.52 -22.01 -17.07
C SER C 29 -1.96 -22.58 -17.22
C SER C 29 -1.93 -22.62 -17.17
N ASN C 30 -2.10 -23.63 -18.04
CA ASN C 30 -3.35 -24.38 -18.09
C ASN C 30 -4.54 -23.47 -18.28
N GLY C 31 -4.37 -22.52 -19.20
CA GLY C 31 -5.36 -21.46 -19.42
C GLY C 31 -5.07 -20.24 -18.59
N PHE C 32 -5.91 -19.99 -17.60
CA PHE C 32 -5.83 -18.83 -16.75
C PHE C 32 -5.47 -19.18 -15.28
N GLU C 33 -4.85 -20.33 -15.05
CA GLU C 33 -4.51 -20.77 -13.71
C GLU C 33 -3.26 -19.97 -13.29
N ARG C 34 -3.49 -19.01 -12.37
CA ARG C 34 -2.50 -17.97 -12.05
C ARG C 34 -1.86 -18.27 -10.70
N GLY C 35 -0.54 -18.26 -10.65
CA GLY C 35 0.16 -18.45 -9.39
C GLY C 35 0.25 -19.90 -8.96
N GLN C 36 0.82 -20.10 -7.78
CA GLN C 36 1.01 -21.41 -7.17
C GLN C 36 -0.24 -21.81 -6.38
N VAL C 37 -0.39 -23.11 -6.15
CA VAL C 37 -1.48 -23.60 -5.31
C VAL C 37 -1.19 -23.16 -3.88
N PRO C 38 -2.16 -22.51 -3.22
CA PRO C 38 -1.93 -22.02 -1.87
C PRO C 38 -2.24 -23.06 -0.80
N ARG C 39 -1.79 -22.79 0.40
CA ARG C 39 -2.25 -23.43 1.64
C ARG C 39 -3.62 -22.87 2.03
N VAL C 40 -4.39 -23.66 2.77
CA VAL C 40 -5.63 -23.13 3.34
C VAL C 40 -5.37 -21.91 4.22
N ASP C 41 -4.29 -21.91 4.99
CA ASP C 41 -4.06 -20.77 5.94
C ASP C 41 -3.74 -19.51 5.13
N GLN C 42 -3.16 -19.64 3.94
CA GLN C 42 -3.00 -18.48 3.07
C GLN C 42 -4.35 -17.97 2.55
N LEU C 43 -5.23 -18.90 2.16
CA LEU C 43 -6.57 -18.50 1.72
C LEU C 43 -7.37 -17.81 2.82
N GLU C 44 -7.14 -18.22 4.07
CA GLU C 44 -7.80 -17.65 5.24
C GLU C 44 -7.20 -16.34 5.71
N SER C 45 -5.98 -16.02 5.27
CA SER C 45 -5.35 -14.77 5.67
CA SER C 45 -5.29 -14.76 5.57
C SER C 45 -5.96 -13.55 4.95
N SER C 46 -5.68 -12.37 5.47
CA SER C 46 -6.30 -11.18 4.90
C SER C 46 -5.87 -10.84 3.48
N ARG C 47 -4.73 -11.36 3.05
CA ARG C 47 -4.15 -11.03 1.73
C ARG C 47 -3.50 -12.26 1.10
N GLY C 48 -3.67 -12.34 -0.21
CA GLY C 48 -3.01 -13.27 -1.08
C GLY C 48 -1.62 -12.80 -1.47
N PRO C 49 -1.07 -13.37 -2.55
CA PRO C 49 0.33 -13.17 -2.90
C PRO C 49 0.70 -11.84 -3.52
N TYR C 50 -0.30 -11.07 -3.95
CA TYR C 50 -0.04 -9.87 -4.77
C TYR C 50 -0.35 -8.59 -4.00
N SER C 51 0.43 -7.55 -4.28
CA SER C 51 0.25 -6.26 -3.66
CA SER C 51 0.25 -6.24 -3.67
C SER C 51 -0.92 -5.49 -4.27
N VAL C 52 -1.78 -4.95 -3.43
CA VAL C 52 -2.98 -4.27 -3.88
C VAL C 52 -2.75 -2.78 -4.07
N LYS C 53 -3.05 -2.30 -5.28
CA LYS C 53 -3.06 -0.90 -5.66
CA LYS C 53 -3.07 -0.90 -5.65
C LYS C 53 -4.52 -0.49 -5.82
N THR C 54 -4.82 0.80 -5.68
CA THR C 54 -6.15 1.28 -5.77
C THR C 54 -6.28 2.50 -6.64
N ILE C 55 -7.48 2.67 -7.22
CA ILE C 55 -7.89 3.84 -7.95
C ILE C 55 -9.24 4.28 -7.39
N ASN C 56 -9.35 5.53 -6.97
CA ASN C 56 -10.64 6.06 -6.57
C ASN C 56 -11.48 6.38 -7.78
N VAL C 57 -12.76 6.00 -7.73
CA VAL C 57 -13.74 6.33 -8.75
C VAL C 57 -14.81 7.25 -8.17
N SER C 58 -14.90 8.49 -8.68
CA SER C 58 -15.88 9.39 -8.10
C SER C 58 -17.28 9.10 -8.54
N ARG C 59 -18.26 9.69 -7.83
CA ARG C 59 -19.70 9.52 -8.17
CA ARG C 59 -19.72 9.61 -8.13
C ARG C 59 -20.00 10.05 -9.58
N LEU C 60 -19.06 10.74 -10.21
CA LEU C 60 -19.26 11.16 -11.60
C LEU C 60 -19.29 9.99 -12.61
N ALA C 61 -18.81 8.82 -12.18
CA ALA C 61 -18.83 7.64 -13.03
C ALA C 61 -20.24 7.36 -13.58
N ARG C 62 -20.31 6.90 -14.82
CA ARG C 62 -21.60 6.59 -15.50
CA ARG C 62 -21.60 6.58 -15.51
C ARG C 62 -22.26 5.33 -14.91
N GLY C 63 -23.44 5.50 -14.33
CA GLY C 63 -24.32 4.40 -14.04
C GLY C 63 -24.20 3.77 -12.68
N PHE C 64 -23.34 4.33 -11.83
CA PHE C 64 -23.24 3.92 -10.44
C PHE C 64 -22.63 5.07 -9.64
N GLY C 65 -22.54 4.86 -8.33
CA GLY C 65 -22.15 5.91 -7.39
C GLY C 65 -20.66 6.02 -7.09
N GLY C 66 -19.81 5.57 -7.99
CA GLY C 66 -18.40 5.56 -7.75
C GLY C 66 -17.99 4.39 -6.88
N GLY C 67 -16.75 4.43 -6.41
CA GLY C 67 -16.22 3.40 -5.57
C GLY C 67 -14.70 3.36 -5.66
N THR C 68 -14.16 2.14 -5.61
CA THR C 68 -12.73 1.92 -5.57
C THR C 68 -12.37 0.73 -6.42
N ILE C 69 -11.43 0.93 -7.36
CA ILE C 69 -10.86 -0.16 -8.11
C ILE C 69 -9.64 -0.65 -7.36
N HIS C 70 -9.57 -1.97 -7.14
CA HIS C 70 -8.47 -2.66 -6.49
C HIS C 70 -7.84 -3.57 -7.52
N TYR C 71 -6.52 -3.55 -7.65
CA TYR C 71 -5.85 -4.34 -8.72
C TYR C 71 -4.41 -4.60 -8.30
N SER C 72 -3.79 -5.59 -8.91
CA SER C 72 -2.40 -5.94 -8.75
C SER C 72 -1.83 -6.10 -10.14
N THR C 73 -0.52 -5.91 -10.28
CA THR C 73 0.15 -5.90 -11.57
C THR C 73 1.29 -6.91 -11.74
N GLU C 74 1.70 -7.57 -10.65
CA GLU C 74 2.83 -8.47 -10.68
C GLU C 74 2.69 -9.58 -11.70
N SER C 75 1.48 -10.07 -11.84
CA SER C 75 1.21 -11.29 -12.62
C SER C 75 0.79 -10.99 -14.05
N GLY C 76 0.79 -9.72 -14.45
CA GLY C 76 0.36 -9.35 -15.79
C GLY C 76 -1.15 -9.33 -15.87
N GLY C 77 -1.65 -9.39 -17.10
CA GLY C 77 -3.06 -9.16 -17.39
C GLY C 77 -3.90 -10.40 -17.50
N GLN C 78 -4.92 -10.35 -18.38
CA GLN C 78 -5.93 -11.39 -18.49
C GLN C 78 -6.70 -11.65 -17.18
N GLN C 79 -6.82 -10.59 -16.37
CA GLN C 79 -7.48 -10.67 -15.08
C GLN C 79 -8.99 -10.63 -15.20
N GLY C 80 -9.65 -11.50 -14.44
CA GLY C 80 -11.09 -11.40 -14.28
C GLY C 80 -11.49 -10.14 -13.54
N ILE C 81 -12.68 -9.65 -13.85
CA ILE C 81 -13.26 -8.45 -13.29
C ILE C 81 -14.34 -8.81 -12.29
N ILE C 82 -14.35 -8.20 -11.12
CA ILE C 82 -15.39 -8.43 -10.13
C ILE C 82 -15.96 -7.13 -9.66
N ALA C 83 -17.28 -6.99 -9.61
CA ALA C 83 -17.96 -5.83 -9.04
C ALA C 83 -18.71 -6.23 -7.79
N VAL C 84 -18.68 -5.35 -6.79
CA VAL C 84 -19.20 -5.66 -5.44
C VAL C 84 -20.07 -4.49 -5.00
N VAL C 85 -21.31 -4.81 -4.59
CA VAL C 85 -22.32 -3.80 -4.28
C VAL C 85 -22.92 -4.03 -2.89
N PRO C 86 -23.16 -2.93 -2.14
CA PRO C 86 -23.77 -3.02 -0.82
C PRO C 86 -25.31 -3.11 -0.86
N GLY C 87 -25.92 -2.97 0.32
CA GLY C 87 -27.35 -3.07 0.53
C GLY C 87 -28.04 -1.74 0.73
N TYR C 88 -29.35 -1.81 0.95
CA TYR C 88 -30.20 -0.65 1.26
C TYR C 88 -29.59 0.14 2.43
N VAL C 89 -29.65 1.46 2.28
CA VAL C 89 -29.20 2.43 3.27
C VAL C 89 -27.80 2.09 3.81
N SER C 90 -26.92 1.65 2.90
CA SER C 90 -25.55 1.33 3.24
CA SER C 90 -25.56 1.27 3.22
C SER C 90 -24.60 1.77 2.16
N TYR C 91 -23.33 1.84 2.55
CA TYR C 91 -22.24 2.36 1.70
C TYR C 91 -21.21 1.28 1.42
N GLU C 92 -20.27 1.66 0.56
CA GLU C 92 -19.18 0.82 0.11
C GLU C 92 -18.46 0.10 1.24
N SER C 93 -18.25 0.78 2.38
CA SER C 93 -17.45 0.16 3.45
C SER C 93 -18.00 -1.18 3.92
N SER C 94 -19.33 -1.36 3.85
CA SER C 94 -19.93 -2.61 4.30
CA SER C 94 -19.91 -2.60 4.31
C SER C 94 -19.43 -3.84 3.54
N ILE C 95 -19.09 -3.65 2.24
CA ILE C 95 -18.61 -4.73 1.40
C ILE C 95 -17.19 -4.59 0.92
N GLN C 96 -16.49 -3.54 1.40
CA GLN C 96 -15.23 -3.20 0.79
CA GLN C 96 -15.15 -3.14 0.93
C GLN C 96 -14.15 -4.25 0.98
N TRP C 97 -14.26 -5.08 2.02
CA TRP C 97 -13.25 -6.09 2.29
C TRP C 97 -12.96 -6.98 1.12
N TRP C 98 -14.00 -7.26 0.33
CA TRP C 98 -13.81 -8.11 -0.81
C TRP C 98 -12.82 -7.55 -1.83
N GLY C 99 -12.70 -6.22 -1.89
CA GLY C 99 -11.83 -5.55 -2.87
C GLY C 99 -10.38 -5.93 -2.71
N PRO C 100 -9.73 -5.60 -1.57
CA PRO C 100 -8.33 -5.97 -1.41
C PRO C 100 -8.17 -7.47 -1.30
N ARG C 101 -9.15 -8.16 -0.73
CA ARG C 101 -9.00 -9.63 -0.53
C ARG C 101 -8.88 -10.28 -1.90
N LEU C 102 -9.80 -10.00 -2.81
CA LEU C 102 -9.74 -10.62 -4.13
C LEU C 102 -8.69 -10.05 -5.04
N ALA C 103 -8.41 -8.74 -4.95
CA ALA C 103 -7.36 -8.18 -5.82
C ALA C 103 -5.99 -8.77 -5.51
N SER C 104 -5.76 -9.11 -4.24
CA SER C 104 -4.49 -9.70 -3.83
C SER C 104 -4.27 -11.13 -4.34
N TRP C 105 -5.31 -11.69 -4.96
CA TRP C 105 -5.29 -13.00 -5.62
C TRP C 105 -5.43 -12.89 -7.14
N GLY C 106 -5.31 -11.70 -7.71
CA GLY C 106 -5.15 -11.58 -9.15
C GLY C 106 -6.41 -11.28 -9.93
N PHE C 107 -7.39 -10.65 -9.28
CA PHE C 107 -8.58 -10.11 -9.89
C PHE C 107 -8.57 -8.59 -9.85
N THR C 108 -9.23 -7.95 -10.81
CA THR C 108 -9.48 -6.50 -10.79
C THR C 108 -10.87 -6.27 -10.23
N VAL C 109 -10.98 -5.62 -9.07
CA VAL C 109 -12.19 -5.66 -8.27
C VAL C 109 -12.65 -4.25 -7.98
N ILE C 110 -13.86 -3.89 -8.35
CA ILE C 110 -14.43 -2.60 -8.08
C ILE C 110 -15.51 -2.76 -7.02
N THR C 111 -15.32 -2.07 -5.89
CA THR C 111 -16.29 -1.98 -4.81
C THR C 111 -17.00 -0.67 -5.00
N ILE C 112 -18.35 -0.67 -4.95
CA ILE C 112 -19.11 0.50 -5.33
C ILE C 112 -20.04 1.06 -4.25
N ASN C 113 -20.31 2.36 -4.39
CA ASN C 113 -21.53 2.96 -3.88
C ASN C 113 -22.58 2.99 -4.97
N THR C 114 -23.84 2.98 -4.57
CA THR C 114 -24.94 3.06 -5.49
C THR C 114 -25.31 4.51 -5.78
N ASN C 115 -26.08 4.71 -6.85
CA ASN C 115 -26.55 6.05 -7.23
C ASN C 115 -27.24 6.74 -6.06
N THR C 116 -28.14 6.01 -5.39
CA THR C 116 -28.66 6.44 -4.12
C THR C 116 -28.65 5.26 -3.19
N ILE C 117 -28.66 5.54 -1.87
CA ILE C 117 -28.69 4.45 -0.92
C ILE C 117 -30.01 3.70 -0.87
N TYR C 118 -31.04 4.26 -1.51
CA TYR C 118 -32.40 3.68 -1.49
C TYR C 118 -32.66 2.76 -2.66
N ASP C 119 -31.67 2.56 -3.53
CA ASP C 119 -31.88 1.83 -4.75
C ASP C 119 -32.26 0.36 -4.45
N GLN C 120 -33.20 -0.16 -5.25
CA GLN C 120 -33.79 -1.51 -5.08
C GLN C 120 -32.96 -2.54 -5.85
N PRO C 121 -33.24 -3.86 -5.66
CA PRO C 121 -32.35 -4.88 -6.23
C PRO C 121 -32.15 -4.78 -7.73
N ASP C 122 -33.20 -4.59 -8.52
CA ASP C 122 -33.02 -4.60 -9.98
C ASP C 122 -32.16 -3.40 -10.42
N ASN C 123 -32.30 -2.27 -9.73
CA ASN C 123 -31.46 -1.09 -9.96
C ASN C 123 -30.02 -1.39 -9.60
N ARG C 124 -29.80 -2.09 -8.49
CA ARG C 124 -28.44 -2.49 -8.05
C ARG C 124 -27.83 -3.47 -9.07
N ALA C 125 -28.63 -4.34 -9.69
CA ALA C 125 -28.14 -5.21 -10.75
C ALA C 125 -27.60 -4.39 -11.90
N GLY C 126 -28.33 -3.36 -12.32
CA GLY C 126 -27.89 -2.52 -13.42
C GLY C 126 -26.60 -1.80 -13.07
N GLN C 127 -26.42 -1.42 -11.79
CA GLN C 127 -25.24 -0.72 -11.35
C GLN C 127 -24.01 -1.62 -11.29
N LEU C 128 -24.21 -2.89 -10.89
CA LEU C 128 -23.14 -3.88 -11.01
C LEU C 128 -22.68 -3.96 -12.48
N SER C 129 -23.66 -4.01 -13.40
CA SER C 129 -23.35 -4.10 -14.81
C SER C 129 -22.57 -2.87 -15.29
N ALA C 130 -23.03 -1.70 -14.87
CA ALA C 130 -22.36 -0.45 -15.23
C ALA C 130 -20.93 -0.41 -14.68
N ALA C 131 -20.73 -0.92 -13.45
CA ALA C 131 -19.42 -0.91 -12.83
C ALA C 131 -18.45 -1.84 -13.59
N ILE C 132 -18.92 -3.03 -13.99
CA ILE C 132 -18.13 -3.91 -14.82
C ILE C 132 -17.74 -3.17 -16.10
N ASP C 133 -18.72 -2.54 -16.74
CA ASP C 133 -18.47 -1.84 -18.01
C ASP C 133 -17.47 -0.71 -17.86
N TYR C 134 -17.53 -0.03 -16.70
CA TYR C 134 -16.59 1.06 -16.38
C TYR C 134 -15.16 0.52 -16.34
N VAL C 135 -14.96 -0.62 -15.68
CA VAL C 135 -13.68 -1.25 -15.63
C VAL C 135 -13.19 -1.65 -17.01
N ILE C 136 -14.08 -2.24 -17.79
CA ILE C 136 -13.72 -2.60 -19.17
C ILE C 136 -13.29 -1.39 -19.96
N ASP C 137 -14.04 -0.29 -19.82
CA ASP C 137 -13.68 0.95 -20.53
C ASP C 137 -12.30 1.49 -20.08
N LYS C 138 -12.05 1.46 -18.77
CA LYS C 138 -10.77 1.94 -18.29
CA LYS C 138 -10.76 1.91 -18.22
C LYS C 138 -9.62 1.06 -18.76
N SER C 139 -9.88 -0.24 -18.95
CA SER C 139 -8.86 -1.13 -19.45
C SER C 139 -8.45 -0.81 -20.90
N LYS C 140 -9.25 0.01 -21.60
CA LYS C 140 -8.98 0.43 -22.96
C LYS C 140 -8.42 1.86 -23.03
N ASP C 141 -8.25 2.48 -21.85
CA ASP C 141 -7.81 3.86 -21.70
C ASP C 141 -6.33 3.86 -21.41
N ARG C 142 -5.53 4.33 -22.37
N ARG C 142 -5.51 4.34 -22.35
CA ARG C 142 -4.04 4.34 -22.27
CA ARG C 142 -4.02 4.27 -22.20
C ARG C 142 -3.57 5.15 -21.05
C ARG C 142 -3.54 5.19 -21.06
N THR C 143 -4.41 6.03 -20.48
CA THR C 143 -4.01 6.81 -19.30
C THR C 143 -4.28 6.10 -17.98
N SER C 144 -5.01 4.97 -18.03
CA SER C 144 -5.38 4.27 -16.82
C SER C 144 -4.30 3.29 -16.38
N PRO C 145 -4.08 3.14 -15.06
CA PRO C 145 -3.17 2.12 -14.55
C PRO C 145 -3.60 0.69 -14.92
N ILE C 146 -4.90 0.47 -15.20
CA ILE C 146 -5.39 -0.85 -15.56
C ILE C 146 -5.47 -1.07 -17.06
N TYR C 147 -4.85 -0.21 -17.84
CA TYR C 147 -4.78 -0.37 -19.31
C TYR C 147 -4.24 -1.78 -19.64
N GLY C 148 -5.03 -2.53 -20.38
CA GLY C 148 -4.64 -3.85 -20.78
C GLY C 148 -4.64 -4.95 -19.76
N LEU C 149 -5.11 -4.70 -18.55
CA LEU C 149 -4.92 -5.64 -17.47
C LEU C 149 -6.01 -6.73 -17.37
N VAL C 150 -7.18 -6.45 -17.95
CA VAL C 150 -8.37 -7.29 -17.71
C VAL C 150 -8.77 -8.11 -18.93
N ASP C 151 -9.52 -9.17 -18.64
CA ASP C 151 -10.22 -9.98 -19.64
C ASP C 151 -11.71 -9.66 -19.55
N PRO C 152 -12.24 -8.83 -20.48
CA PRO C 152 -13.65 -8.48 -20.42
C PRO C 152 -14.61 -9.67 -20.49
N ASN C 153 -14.12 -10.82 -20.93
CA ASN C 153 -14.92 -12.00 -21.07
CA ASN C 153 -14.92 -12.01 -21.07
C ASN C 153 -15.11 -12.80 -19.79
N ARG C 154 -14.43 -12.41 -18.71
CA ARG C 154 -14.49 -13.17 -17.43
C ARG C 154 -14.83 -12.23 -16.30
N VAL C 155 -16.07 -12.30 -15.81
CA VAL C 155 -16.59 -11.31 -14.88
CA VAL C 155 -16.65 -11.30 -14.91
C VAL C 155 -17.36 -12.01 -13.77
N GLY C 156 -17.34 -11.43 -12.58
CA GLY C 156 -18.12 -11.92 -11.46
C GLY C 156 -18.70 -10.79 -10.66
N VAL C 157 -19.68 -11.11 -9.81
CA VAL C 157 -20.32 -10.11 -8.99
C VAL C 157 -20.54 -10.67 -7.59
N ILE C 158 -20.54 -9.73 -6.63
CA ILE C 158 -20.79 -10.01 -5.21
C ILE C 158 -21.72 -8.91 -4.74
N GLY C 159 -22.68 -9.27 -3.89
CA GLY C 159 -23.55 -8.25 -3.33
C GLY C 159 -24.16 -8.63 -2.04
N TRP C 160 -24.41 -7.62 -1.19
CA TRP C 160 -25.02 -7.81 0.11
C TRP C 160 -26.46 -7.36 0.09
N SER C 161 -27.35 -8.21 0.61
CA SER C 161 -28.71 -7.80 0.95
C SER C 161 -29.50 -7.52 -0.32
N MET C 162 -30.11 -6.35 -0.51
CA MET C 162 -30.69 -6.04 -1.82
C MET C 162 -29.67 -6.14 -2.93
N GLY C 163 -28.40 -5.82 -2.61
CA GLY C 163 -27.31 -5.99 -3.57
C GLY C 163 -27.05 -7.45 -3.95
N GLY C 164 -27.26 -8.37 -2.99
CA GLY C 164 -27.22 -9.80 -3.23
C GLY C 164 -28.36 -10.24 -4.15
N GLY C 165 -29.56 -9.74 -3.90
CA GLY C 165 -30.65 -9.96 -4.83
C GLY C 165 -30.28 -9.46 -6.23
N GLY C 166 -29.67 -8.26 -6.28
CA GLY C 166 -29.25 -7.69 -7.54
C GLY C 166 -28.23 -8.57 -8.25
N SER C 167 -27.32 -9.19 -7.48
CA SER C 167 -26.28 -10.00 -8.09
C SER C 167 -26.91 -11.24 -8.77
N LEU C 168 -27.91 -11.85 -8.13
CA LEU C 168 -28.67 -12.95 -8.74
C LEU C 168 -29.44 -12.49 -9.97
N LYS C 169 -30.11 -11.35 -9.89
CA LYS C 169 -30.84 -10.78 -11.01
CA LYS C 169 -30.84 -10.78 -11.01
C LYS C 169 -29.93 -10.56 -12.20
N LEU C 170 -28.75 -9.98 -11.97
CA LEU C 170 -27.87 -9.65 -13.08
C LEU C 170 -27.43 -10.96 -13.82
N ALA C 171 -27.23 -12.06 -13.08
CA ALA C 171 -26.83 -13.31 -13.68
C ALA C 171 -27.85 -13.87 -14.66
N THR C 172 -29.11 -13.43 -14.51
CA THR C 172 -30.18 -13.80 -15.40
C THR C 172 -30.27 -12.89 -16.66
N ASP C 173 -29.54 -11.76 -16.67
CA ASP C 173 -29.58 -10.75 -17.74
C ASP C 173 -28.32 -10.62 -18.54
N ARG C 174 -27.21 -11.07 -17.98
CA ARG C 174 -25.86 -10.93 -18.56
C ARG C 174 -25.05 -12.19 -18.29
N LYS C 175 -24.08 -12.50 -19.16
CA LYS C 175 -23.20 -13.64 -18.96
C LYS C 175 -22.24 -13.30 -17.82
N ILE C 176 -22.43 -13.99 -16.68
CA ILE C 176 -21.65 -13.80 -15.49
C ILE C 176 -20.99 -15.11 -15.09
N ASP C 177 -19.67 -15.10 -14.91
CA ASP C 177 -18.92 -16.31 -14.63
C ASP C 177 -19.04 -16.82 -13.18
N ALA C 178 -19.37 -15.93 -12.23
CA ALA C 178 -19.50 -16.33 -10.83
C ALA C 178 -20.24 -15.26 -10.06
N VAL C 179 -21.03 -15.71 -9.09
CA VAL C 179 -21.88 -14.85 -8.27
C VAL C 179 -21.74 -15.22 -6.82
N ILE C 180 -21.54 -14.21 -5.95
CA ILE C 180 -21.57 -14.41 -4.50
C ILE C 180 -22.58 -13.46 -3.89
N PRO C 181 -23.84 -13.89 -3.71
CA PRO C 181 -24.83 -13.14 -2.94
C PRO C 181 -24.64 -13.42 -1.45
N GLN C 182 -24.46 -12.34 -0.66
CA GLN C 182 -24.31 -12.49 0.80
C GLN C 182 -25.52 -11.89 1.49
N ALA C 183 -26.11 -12.67 2.38
CA ALA C 183 -27.37 -12.33 3.03
C ALA C 183 -28.33 -11.72 2.02
N PRO C 184 -28.57 -12.41 0.88
CA PRO C 184 -29.35 -11.81 -0.19
C PRO C 184 -30.82 -11.60 0.19
N TRP C 185 -31.41 -10.57 -0.41
CA TRP C 185 -32.83 -10.26 -0.30
C TRP C 185 -33.33 -10.01 -1.70
N TYR C 186 -34.47 -10.63 -2.03
CA TYR C 186 -35.15 -10.38 -3.32
C TYR C 186 -36.65 -10.68 -3.12
N LEU C 187 -37.50 -9.85 -3.69
CA LEU C 187 -38.92 -10.02 -3.57
CA LEU C 187 -38.94 -10.02 -3.60
C LEU C 187 -39.52 -10.01 -4.97
N GLY C 188 -40.37 -10.99 -5.24
CA GLY C 188 -41.15 -11.02 -6.46
C GLY C 188 -40.71 -12.05 -7.45
N LEU C 189 -41.25 -11.93 -8.66
CA LEU C 189 -40.92 -12.83 -9.75
C LEU C 189 -39.45 -12.79 -10.05
N ASN C 190 -38.88 -13.96 -10.34
CA ASN C 190 -37.49 -14.08 -10.68
C ASN C 190 -37.22 -15.18 -11.64
N ARG C 191 -36.08 -15.10 -12.30
CA ARG C 191 -35.60 -16.19 -13.20
CA ARG C 191 -35.61 -16.21 -13.20
C ARG C 191 -34.43 -17.04 -12.56
N PHE C 192 -34.47 -17.15 -11.23
CA PHE C 192 -33.39 -17.86 -10.54
C PHE C 192 -33.38 -19.35 -10.84
N SER C 193 -34.54 -19.89 -11.25
CA SER C 193 -34.64 -21.25 -11.72
C SER C 193 -33.84 -21.55 -12.99
N THR C 194 -33.31 -20.52 -13.65
CA THR C 194 -32.57 -20.67 -14.89
C THR C 194 -31.10 -20.18 -14.79
N ILE C 195 -30.65 -19.81 -13.58
CA ILE C 195 -29.28 -19.32 -13.42
C ILE C 195 -28.27 -20.41 -13.81
N THR C 196 -27.32 -20.05 -14.69
CA THR C 196 -26.22 -20.91 -15.09
C THR C 196 -24.87 -20.43 -14.58
N SER C 197 -24.85 -19.30 -13.88
CA SER C 197 -23.61 -18.80 -13.26
CA SER C 197 -23.61 -18.82 -13.28
C SER C 197 -23.34 -19.55 -11.96
N PRO C 198 -22.12 -20.10 -11.76
CA PRO C 198 -21.77 -20.67 -10.47
C PRO C 198 -22.02 -19.67 -9.34
N THR C 199 -22.82 -20.08 -8.35
CA THR C 199 -23.34 -19.20 -7.32
C THR C 199 -23.07 -19.76 -5.96
N MET C 200 -22.32 -18.98 -5.16
N MET C 200 -22.28 -19.01 -5.17
CA MET C 200 -22.06 -19.30 -3.77
CA MET C 200 -22.07 -19.33 -3.76
C MET C 200 -22.84 -18.31 -2.91
C MET C 200 -22.84 -18.31 -2.93
N ILE C 201 -23.94 -18.77 -2.31
CA ILE C 201 -24.75 -17.93 -1.42
C ILE C 201 -24.16 -18.05 -0.03
N ILE C 202 -23.87 -16.87 0.56
CA ILE C 202 -23.51 -16.76 1.97
C ILE C 202 -24.78 -16.35 2.71
N ALA C 203 -25.12 -17.15 3.70
CA ALA C 203 -26.32 -17.00 4.48
C ALA C 203 -25.93 -16.74 5.94
N CYS C 204 -26.77 -15.99 6.64
CA CYS C 204 -26.52 -15.61 8.02
C CYS C 204 -27.67 -16.23 8.83
N GLN C 205 -27.34 -17.24 9.63
CA GLN C 205 -28.37 -18.14 10.18
C GLN C 205 -29.53 -17.43 10.86
N ALA C 206 -29.18 -16.46 11.69
CA ALA C 206 -30.15 -15.72 12.56
C ALA C 206 -30.73 -14.47 11.90
N ASP C 207 -30.54 -14.32 10.58
CA ASP C 207 -30.90 -13.10 9.88
C ASP C 207 -32.39 -12.82 10.08
N ALA C 208 -32.71 -11.65 10.61
CA ALA C 208 -34.07 -11.19 10.79
C ALA C 208 -34.54 -10.20 9.73
N VAL C 209 -33.62 -9.77 8.88
CA VAL C 209 -33.90 -8.80 7.84
C VAL C 209 -34.24 -9.50 6.52
N ALA C 210 -33.42 -10.49 6.14
CA ALA C 210 -33.64 -11.34 4.98
C ALA C 210 -33.61 -12.78 5.47
N PRO C 211 -34.67 -13.22 6.18
CA PRO C 211 -34.65 -14.53 6.80
C PRO C 211 -34.23 -15.61 5.78
N VAL C 212 -33.32 -16.49 6.16
CA VAL C 212 -32.82 -17.47 5.20
C VAL C 212 -33.89 -18.41 4.67
N SER C 213 -34.92 -18.69 5.47
CA SER C 213 -36.03 -19.55 5.02
C SER C 213 -36.82 -18.94 3.89
N VAL C 214 -36.77 -17.62 3.77
CA VAL C 214 -37.52 -16.88 2.74
C VAL C 214 -36.65 -16.50 1.53
N HIS C 215 -35.39 -16.17 1.81
CA HIS C 215 -34.48 -15.58 0.87
C HIS C 215 -33.35 -16.60 0.55
N ALA C 216 -32.21 -16.52 1.25
CA ALA C 216 -31.03 -17.27 0.85
C ALA C 216 -31.27 -18.75 0.53
N SER C 217 -31.93 -19.48 1.43
CA SER C 217 -32.10 -20.91 1.27
C SER C 217 -33.01 -21.21 0.08
N ARG C 218 -34.05 -20.40 -0.08
N ARG C 218 -34.03 -20.47 -0.02
CA ARG C 218 -35.02 -20.60 -1.20
CA ARG C 218 -35.00 -20.67 -1.13
C ARG C 218 -34.28 -20.34 -2.51
C ARG C 218 -34.26 -20.41 -2.45
N PHE C 219 -33.45 -19.29 -2.59
CA PHE C 219 -32.75 -19.00 -3.80
C PHE C 219 -31.79 -20.10 -4.16
N TYR C 220 -31.06 -20.63 -3.18
CA TYR C 220 -30.13 -21.76 -3.42
C TYR C 220 -30.92 -22.93 -4.00
N ASN C 221 -32.05 -23.24 -3.39
CA ASN C 221 -32.83 -24.36 -3.84
C ASN C 221 -33.40 -24.20 -5.26
N GLN C 222 -33.65 -22.97 -5.69
CA GLN C 222 -34.15 -22.72 -7.03
C GLN C 222 -33.17 -23.03 -8.16
N ILE C 223 -31.88 -22.79 -7.92
CA ILE C 223 -30.90 -22.77 -8.96
C ILE C 223 -30.73 -24.18 -9.54
N PRO C 224 -30.63 -24.29 -10.88
CA PRO C 224 -30.44 -25.58 -11.52
C PRO C 224 -29.43 -26.50 -10.86
N ARG C 225 -29.77 -27.79 -10.77
CA ARG C 225 -28.84 -28.81 -10.23
C ARG C 225 -27.51 -28.84 -11.00
N THR C 226 -27.52 -28.54 -12.30
CA THR C 226 -26.28 -28.61 -13.05
C THR C 226 -25.42 -27.34 -12.93
N THR C 227 -25.95 -26.28 -12.31
CA THR C 227 -25.18 -25.07 -12.09
C THR C 227 -24.39 -25.25 -10.80
N PRO C 228 -23.05 -25.15 -10.83
CA PRO C 228 -22.30 -25.24 -9.56
C PRO C 228 -22.82 -24.21 -8.53
N LYS C 229 -23.03 -24.68 -7.32
CA LYS C 229 -23.56 -23.84 -6.29
C LYS C 229 -23.11 -24.28 -4.93
N ALA C 230 -23.20 -23.34 -3.99
CA ALA C 230 -22.91 -23.60 -2.60
C ALA C 230 -23.79 -22.69 -1.74
N TYR C 231 -24.03 -23.17 -0.51
CA TYR C 231 -24.80 -22.48 0.54
C TYR C 231 -23.95 -22.53 1.79
N PHE C 232 -23.41 -21.38 2.19
CA PHE C 232 -22.45 -21.27 3.29
C PHE C 232 -23.15 -20.46 4.36
N GLU C 233 -23.67 -21.14 5.40
CA GLU C 233 -24.43 -20.48 6.45
C GLU C 233 -23.60 -20.32 7.70
N ILE C 234 -23.45 -19.06 8.10
CA ILE C 234 -22.70 -18.70 9.30
C ILE C 234 -23.60 -18.84 10.53
N ALA C 235 -23.17 -19.68 11.47
CA ALA C 235 -23.93 -19.95 12.70
C ALA C 235 -24.17 -18.65 13.45
N LEU C 236 -25.43 -18.46 13.85
CA LEU C 236 -25.86 -17.34 14.70
C LEU C 236 -25.74 -15.98 14.02
N GLY C 237 -25.45 -15.96 12.71
CA GLY C 237 -25.17 -14.70 12.08
C GLY C 237 -26.36 -13.78 11.93
N SER C 238 -26.15 -12.49 12.20
CA SER C 238 -27.11 -11.46 11.87
C SER C 238 -27.05 -11.15 10.39
N HIS C 239 -27.91 -10.25 9.92
CA HIS C 239 -27.89 -9.82 8.53
C HIS C 239 -26.55 -9.24 8.08
N PHE C 240 -25.75 -8.76 9.04
CA PHE C 240 -24.44 -8.12 8.77
C PHE C 240 -23.29 -9.11 8.77
N CYS C 241 -23.57 -10.42 8.89
CA CYS C 241 -22.52 -11.36 9.27
C CYS C 241 -21.39 -11.57 8.27
N ALA C 242 -21.56 -11.11 7.03
CA ALA C 242 -20.55 -11.25 5.99
C ALA C 242 -19.88 -9.93 5.63
N ASN C 243 -20.11 -8.88 6.44
CA ASN C 243 -19.63 -7.55 6.12
C ASN C 243 -18.20 -7.31 6.57
N THR C 244 -17.65 -6.18 6.15
CA THR C 244 -16.29 -5.83 6.48
C THR C 244 -16.15 -5.78 7.99
N GLY C 245 -15.10 -6.41 8.50
CA GLY C 245 -14.81 -6.36 9.90
C GLY C 245 -15.49 -7.40 10.77
N TYR C 246 -16.37 -8.21 10.18
CA TYR C 246 -17.11 -9.21 10.95
C TYR C 246 -16.25 -10.45 11.12
N PRO C 247 -16.62 -11.31 12.08
CA PRO C 247 -15.70 -12.33 12.57
C PRO C 247 -15.44 -13.49 11.62
N SER C 248 -16.14 -13.57 10.48
CA SER C 248 -15.97 -14.69 9.57
C SER C 248 -15.28 -14.28 8.26
N GLU C 249 -14.60 -13.14 8.24
CA GLU C 249 -13.84 -12.70 7.06
C GLU C 249 -12.83 -13.77 6.63
N ASP C 250 -12.22 -14.43 7.61
CA ASP C 250 -11.24 -15.46 7.34
C ASP C 250 -11.83 -16.57 6.47
N ILE C 251 -12.93 -17.18 6.95
CA ILE C 251 -13.46 -18.37 6.28
C ILE C 251 -14.34 -18.02 5.10
N LEU C 252 -15.07 -16.93 5.18
CA LEU C 252 -15.85 -16.48 4.03
C LEU C 252 -14.93 -16.10 2.89
N GLY C 253 -13.86 -15.38 3.21
CA GLY C 253 -12.89 -15.01 2.18
C GLY C 253 -12.15 -16.18 1.58
N ARG C 254 -11.83 -17.19 2.38
CA ARG C 254 -11.22 -18.44 1.88
C ARG C 254 -12.14 -19.04 0.82
N ASN C 255 -13.42 -19.23 1.13
CA ASN C 255 -14.30 -19.84 0.17
C ASN C 255 -14.55 -18.93 -1.04
N GLY C 256 -14.64 -17.60 -0.81
CA GLY C 256 -14.88 -16.69 -1.88
C GLY C 256 -13.73 -16.62 -2.87
N VAL C 257 -12.50 -16.53 -2.33
CA VAL C 257 -11.32 -16.57 -3.20
C VAL C 257 -11.34 -17.86 -4.01
N ALA C 258 -11.51 -19.00 -3.34
CA ALA C 258 -11.56 -20.26 -4.05
C ALA C 258 -12.64 -20.29 -5.11
N TRP C 259 -13.81 -19.72 -4.80
CA TRP C 259 -14.93 -19.68 -5.75
C TRP C 259 -14.57 -18.91 -6.99
N MET C 260 -13.97 -17.72 -6.79
CA MET C 260 -13.63 -16.90 -7.94
C MET C 260 -12.47 -17.48 -8.75
N LYS C 261 -11.50 -18.05 -8.06
CA LYS C 261 -10.43 -18.77 -8.75
C LYS C 261 -11.05 -19.89 -9.58
N ARG C 262 -11.91 -20.71 -8.97
CA ARG C 262 -12.45 -21.89 -9.67
C ARG C 262 -13.33 -21.46 -10.85
N PHE C 263 -14.18 -20.46 -10.69
CA PHE C 263 -15.18 -20.17 -11.68
C PHE C 263 -15.00 -18.98 -12.59
N ILE C 264 -14.21 -17.99 -12.14
CA ILE C 264 -13.76 -16.93 -13.01
C ILE C 264 -12.49 -17.32 -13.77
N ASP C 265 -11.48 -17.83 -13.05
CA ASP C 265 -10.27 -18.27 -13.71
C ASP C 265 -10.37 -19.68 -14.27
N LYS C 266 -11.47 -20.39 -13.97
CA LYS C 266 -11.68 -21.78 -14.43
C LYS C 266 -10.57 -22.67 -13.86
N ASP C 267 -10.02 -22.29 -12.70
CA ASP C 267 -8.85 -22.93 -12.14
C ASP C 267 -9.24 -24.13 -11.30
N GLU C 268 -9.10 -25.33 -11.87
CA GLU C 268 -9.60 -26.54 -11.17
C GLU C 268 -8.67 -27.01 -10.07
N ARG C 269 -7.55 -26.32 -9.88
CA ARG C 269 -6.72 -26.60 -8.69
C ARG C 269 -7.45 -26.15 -7.41
N TYR C 270 -8.52 -25.38 -7.55
CA TYR C 270 -9.21 -24.80 -6.38
C TYR C 270 -10.45 -25.61 -5.99
N THR C 271 -10.85 -26.62 -6.78
CA THR C 271 -11.99 -27.48 -6.40
C THR C 271 -11.72 -28.13 -5.06
N GLN C 272 -10.47 -28.50 -4.81
CA GLN C 272 -10.07 -29.20 -3.58
C GLN C 272 -10.41 -28.41 -2.32
N PHE C 273 -10.46 -27.06 -2.43
CA PHE C 273 -10.76 -26.22 -1.26
C PHE C 273 -12.25 -26.06 -1.01
N LEU C 274 -13.08 -26.46 -1.98
CA LEU C 274 -14.51 -26.26 -1.95
C LEU C 274 -15.33 -27.53 -1.69
N CYS C 275 -14.73 -28.69 -1.95
CA CYS C 275 -15.44 -29.95 -2.04
C CYS C 275 -14.86 -30.96 -1.09
N GLY C 276 -15.75 -31.76 -0.49
CA GLY C 276 -15.37 -32.76 0.49
C GLY C 276 -14.77 -32.23 1.79
N GLN C 277 -15.13 -31.00 2.16
CA GLN C 277 -14.51 -30.31 3.28
C GLN C 277 -15.25 -30.38 4.61
N ASN C 278 -16.48 -30.94 4.61
CA ASN C 278 -17.28 -31.04 5.82
C ASN C 278 -17.31 -29.69 6.56
N PHE C 279 -17.60 -28.59 5.86
CA PHE C 279 -17.46 -27.25 6.46
C PHE C 279 -18.34 -27.07 7.68
N ASP C 280 -19.54 -27.68 7.68
CA ASP C 280 -20.45 -27.50 8.82
C ASP C 280 -20.08 -28.35 10.03
N SER C 281 -18.99 -29.11 9.96
CA SER C 281 -18.45 -29.73 11.20
C SER C 281 -17.96 -28.64 12.16
N SER C 282 -17.54 -27.46 11.62
CA SER C 282 -17.13 -26.32 12.43
C SER C 282 -18.30 -25.72 13.19
N LEU C 283 -18.07 -25.42 14.45
CA LEU C 283 -19.06 -24.73 15.27
C LEU C 283 -19.51 -23.39 14.65
N ARG C 284 -18.67 -22.78 13.82
CA ARG C 284 -18.91 -21.46 13.20
C ARG C 284 -19.90 -21.55 12.01
N VAL C 285 -20.08 -22.76 11.47
CA VAL C 285 -20.80 -22.92 10.20
C VAL C 285 -22.01 -23.81 10.50
N SER C 286 -23.20 -23.20 10.51
CA SER C 286 -24.38 -23.96 10.88
C SER C 286 -24.86 -24.92 9.79
N GLU C 287 -24.60 -24.59 8.52
CA GLU C 287 -24.98 -25.47 7.42
C GLU C 287 -24.10 -25.14 6.25
N TYR C 288 -23.72 -26.17 5.50
CA TYR C 288 -23.05 -26.00 4.20
C TYR C 288 -23.66 -26.99 3.23
N ARG C 289 -24.14 -26.46 2.12
CA ARG C 289 -24.68 -27.31 1.03
C ARG C 289 -23.80 -27.09 -0.21
N ASP C 290 -23.65 -28.12 -1.02
CA ASP C 290 -23.05 -28.00 -2.31
C ASP C 290 -23.54 -29.11 -3.23
N ASN C 291 -23.33 -28.88 -4.52
CA ASN C 291 -23.49 -29.89 -5.56
C ASN C 291 -22.18 -30.19 -6.24
N CYS C 292 -21.16 -30.48 -5.42
CA CYS C 292 -19.79 -30.70 -5.91
C CYS C 292 -19.63 -31.72 -7.03
N SER C 293 -20.55 -32.70 -7.13
CA SER C 293 -20.42 -33.68 -8.18
C SER C 293 -20.60 -33.03 -9.58
N TYR C 294 -21.15 -31.81 -9.64
CA TYR C 294 -21.41 -31.04 -10.89
C TYR C 294 -20.35 -29.91 -11.08
N TYR C 295 -19.33 -29.82 -10.24
CA TYR C 295 -18.26 -28.80 -10.40
C TYR C 295 -17.38 -29.23 -11.60
CL CL D . 19.90 17.35 21.24
NA NA E . 13.10 4.36 33.51
NA NA F . 1.00 26.41 -0.24
P PO4 G . -11.00 27.89 22.24
O1 PO4 G . -11.86 26.63 22.47
O2 PO4 G . -11.12 28.33 20.77
O3 PO4 G . -11.48 29.01 23.15
O4 PO4 G . -9.54 27.57 22.55
P PO4 H . -4.72 15.86 44.14
O1 PO4 H . -6.19 15.44 44.11
O2 PO4 H . -4.16 15.68 45.58
O3 PO4 H . -3.92 14.99 43.14
O4 PO4 H . -4.61 17.38 43.75
P PO4 I . -3.53 -5.63 6.20
O1 PO4 I . -4.56 -6.74 5.92
O2 PO4 I . -2.74 -5.36 4.91
O3 PO4 I . -2.58 -6.06 7.31
O4 PO4 I . -4.27 -4.35 6.61
P PO4 J . 6.02 -1.64 7.57
O1 PO4 J . 4.75 -2.07 6.84
O2 PO4 J . 6.98 -0.94 6.59
O3 PO4 J . 5.64 -0.67 8.70
O4 PO4 J . 6.70 -2.86 8.18
C1 MPD K . 18.97 20.70 14.98
C1 MPD K . 14.88 21.26 14.97
C2 MPD K . 18.24 22.04 14.84
C2 MPD K . 16.18 21.39 14.18
O2 MPD K . 18.40 22.48 13.48
O2 MPD K . 16.23 22.74 13.63
CM MPD K . 18.83 23.06 15.79
CM MPD K . 16.14 20.48 12.98
C3 MPD K . 16.76 21.85 15.16
C3 MPD K . 17.44 21.19 15.02
C4 MPD K . 15.73 21.88 14.13
C4 MPD K . 18.74 21.54 14.30
O4 MPD K . 16.21 21.32 12.88
O4 MPD K . 18.71 22.89 13.83
C5 MPD K . 14.50 21.14 14.51
C5 MPD K . 19.95 21.33 15.15
H11 MPD K . 18.28 19.87 14.82
H11 MPD K . 15.08 21.45 16.03
H12 MPD K . 19.77 20.65 14.23
H12 MPD K . 14.14 21.98 14.61
H13 MPD K . 19.41 20.62 15.98
H13 MPD K . 14.47 20.25 14.87
HO2 MPD K . 17.61 23.00 13.19
HO2 MPD K . 16.95 23.24 14.06
HM1 MPD K . 18.13 23.88 15.93
HM1 MPD K . 16.93 19.74 13.05
HM2 MPD K . 19.76 23.45 15.38
HM2 MPD K . 15.17 19.97 12.92
HM3 MPD K . 19.03 22.59 16.75
HM3 MPD K . 16.28 21.07 12.07
H31 MPD K . 16.67 20.90 15.68
H31 MPD K . 17.37 21.79 15.92
H32 MPD K . 16.48 22.60 15.89
H32 MPD K . 17.49 20.15 15.33
H4 MPD K . 15.46 22.92 13.97
H4 MPD K . 18.82 20.88 13.44
HO4 MPD K . 16.47 20.38 13.02
HO4 MPD K . 19.56 23.09 13.39
H51 MPD K . 14.26 20.41 13.75
H51 MPD K . 20.53 22.26 15.20
H52 MPD K . 13.67 21.84 14.61
H52 MPD K . 19.65 21.03 16.16
H53 MPD K . 14.63 20.62 15.48
H53 MPD K . 20.57 20.54 14.71
C1 MPD L . 14.56 25.84 15.88
C1 MPD L . 15.95 28.58 18.09
C2 MPD L . 15.10 25.75 17.30
C2 MPD L . 16.53 27.40 17.31
O2 MPD L . 16.41 25.19 17.17
O2 MPD L . 16.13 27.49 15.92
CM MPD L . 14.26 24.82 18.16
CM MPD L . 18.05 27.45 17.33
C3 MPD L . 15.21 27.13 17.92
C3 MPD L . 16.05 26.04 17.86
C4 MPD L . 16.11 28.05 17.11
C4 MPD L . 14.60 25.71 17.64
O4 MPD L . 15.61 28.13 15.78
O4 MPD L . 14.24 25.70 16.29
C5 MPD L . 16.27 29.44 17.69
C5 MPD L . 14.13 24.47 18.36
H11 MPD L . 13.83 26.64 15.79
H11 MPD L . 15.58 28.23 19.06
H12 MPD L . 14.11 24.89 15.63
H12 MPD L . 15.13 29.01 17.53
H13 MPD L . 15.39 26.01 15.20
H13 MPD L . 16.72 29.33 18.25
HO2 MPD L . 17.02 25.81 16.71
HO2 MPD L . 15.77 26.63 15.63
HM1 MPD L . 14.39 25.11 19.20
HM1 MPD L . 18.44 26.44 17.46
HM2 MPD L . 13.20 24.93 17.88
HM2 MPD L . 18.40 27.86 16.38
HM3 MPD L . 14.58 23.79 18.01
HM3 MPD L . 18.39 28.08 18.14
H31 MPD L . 15.62 27.04 18.93
H31 MPD L . 16.64 25.26 17.40
H32 MPD L . 14.22 27.58 18.01
H32 MPD L . 16.25 26.02 18.93
H4 MPD L . 17.11 27.62 17.10
H4 MPD L . 14.04 26.53 18.10
HO4 MPD L . 15.08 28.94 15.68
HO4 MPD L . 13.46 25.11 16.16
H51 MPD L . 15.90 30.18 16.99
H51 MPD L . 13.07 24.33 18.19
H52 MPD L . 15.71 29.51 18.62
H52 MPD L . 14.68 23.62 17.96
H53 MPD L . 17.32 29.62 17.89
H53 MPD L . 14.35 24.55 19.42
C1 MPD M . 23.26 25.28 19.69
C1 MPD M . 21.60 25.67 17.55
C2 MPD M . 21.74 25.41 19.61
C2 MPD M . 21.76 25.56 19.06
O2 MPD M . 21.22 25.30 20.94
O2 MPD M . 23.16 25.32 19.27
CM MPD M . 21.14 24.26 18.80
CM MPD M . 21.02 24.35 19.58
C3 MPD M . 21.32 26.73 18.96
C3 MPD M . 21.21 26.83 19.73
C4 MPD M . 21.95 27.98 19.44
C4 MPD M . 22.00 28.07 19.99
O4 MPD M . 23.38 27.84 19.50
O4 MPD M . 23.33 28.03 19.51
C5 MPD M . 21.56 29.13 18.58
C5 MPD M . 21.26 29.32 19.64
H11 MPD M . 23.71 25.82 18.86
H11 MPD M . 21.74 24.68 17.10
H12 MPD M . 23.60 25.71 20.63
H12 MPD M . 20.61 26.04 17.30
H13 MPD M . 23.53 24.22 19.67
H13 MPD M . 22.36 26.35 17.15
HO2 MPD M . 20.70 26.11 21.14
HO2 MPD M . 23.53 26.01 19.84
HM1 MPD M . 20.37 24.66 18.14
HM1 MPD M . 20.10 24.66 20.07
HM2 MPD M . 21.92 23.80 18.20
HM2 MPD M . 20.77 23.68 18.76
HM3 MPD M . 20.72 23.53 19.47
HM3 MPD M . 21.64 23.83 20.30
H31 MPD M . 20.24 26.84 19.10
H31 MPD M . 20.32 27.12 19.19
H32 MPD M . 21.49 26.65 17.89
H32 MPD M . 20.86 26.52 20.71
H4 MPD M . 21.59 28.18 20.45
H4 MPD M . 22.11 28.09 21.08
HO4 MPD M . 23.76 28.58 20.01
HO4 MPD M . 23.87 28.69 19.97
H51 MPD M . 22.45 29.58 18.13
H51 MPD M . 21.98 30.11 19.39
H52 MPD M . 20.89 28.78 17.78
H52 MPD M . 20.60 29.16 18.79
H53 MPD M . 21.04 29.88 19.17
H53 MPD M . 20.66 29.64 20.50
C1 MPD N . 25.77 31.12 24.79
C1 MPD N . 25.47 30.43 24.39
C2 MPD N . 24.30 30.79 24.98
C2 MPD N . 24.33 31.41 24.62
O2 MPD N . 23.82 31.46 26.16
O2 MPD N . 24.83 32.74 24.35
CM MPD N . 24.09 29.29 25.25
CM MPD N . 23.86 31.34 26.06
C3 MPD N . 23.50 31.30 23.78
C3 MPD N . 23.17 31.06 23.67
C4 MPD N . 22.03 31.51 23.87
C4 MPD N . 22.11 32.13 23.52
O4 MPD N . 21.63 32.05 25.12
O4 MPD N . 21.20 31.76 22.47
C5 MPD N . 21.42 32.37 22.83
C5 MPD N . 21.32 32.30 24.76
H11 MPD N . 25.94 31.38 23.75
H11 MPD N . 25.33 29.89 23.46
H12 MPD N . 26.02 31.97 25.42
H12 MPD N . 26.41 30.98 24.33
H13 MPD N . 26.39 30.27 25.07
H13 MPD N . 25.53 29.72 25.22
HO2 MPD N . 23.24 32.21 25.89
HO2 MPD N . 24.57 33.02 23.46
HM1 MPD N . 23.21 28.95 24.68
HM1 MPD N . 23.10 30.57 26.16
HM2 MPD N . 23.94 29.12 26.31
HM2 MPD N . 23.45 32.31 26.36
HM3 MPD N . 24.96 28.73 24.90
HM3 MPD N . 24.70 31.04 26.70
H31 MPD N . 23.67 30.61 22.95
H31 MPD N . 23.57 30.85 22.68
H32 MPD N . 23.93 32.25 23.48
H32 MPD N . 22.69 30.15 24.01
H4 MPD N . 21.56 30.52 23.78
H4 MPD N . 22.59 33.07 23.27
HO4 MPD N . 20.66 31.95 25.23
HO4 MPD N . 21.29 32.38 21.73
H51 MPD N . 20.90 33.20 23.31
H51 MPD N . 20.37 31.83 24.51
H52 MPD N . 20.70 31.79 22.24
H52 MPD N . 21.65 31.89 25.70
H53 MPD N . 22.19 32.76 22.18
H53 MPD N . 21.07 33.36 24.80
C1 MPD O . 14.93 29.43 24.63
C1 MPD O . 16.61 29.43 22.50
C2 MPD O . 16.19 28.58 24.84
C2 MPD O . 17.39 28.99 23.72
O2 MPD O . 15.89 27.20 24.53
O2 MPD O . 17.43 30.11 24.64
CM MPD O . 16.59 28.68 26.29
CM MPD O . 18.82 28.65 23.32
C3 MPD O . 17.31 29.11 23.95
C3 MPD O . 16.72 27.78 24.40
C4 MPD O . 17.53 28.72 22.56
C4 MPD O . 17.10 27.51 25.81
O4 MPD O . 16.65 27.73 22.02
O4 MPD O . 17.98 26.38 25.82
C5 MPD O . 17.86 29.85 21.62
C5 MPD O . 17.72 28.67 26.50
H11 MPD O . 15.16 30.29 24.01
H11 MPD O . 17.25 30.01 21.84
H12 MPD O . 14.18 28.81 24.12
H12 MPD O . 16.24 28.55 21.97
H13 MPD O . 14.54 29.75 25.58
H13 MPD O . 15.77 30.04 22.82
HO2 MPD O . 16.54 26.85 23.90
HO2 MPD O . 16.51 30.28 24.96
HM1 MPD O . 17.67 28.55 26.40
HM1 MPD O . 19.08 27.66 23.70
HM2 MPD O . 16.08 27.89 26.85
HM2 MPD O . 18.92 28.67 22.24
HM3 MPD O . 16.32 29.65 26.69
HM3 MPD O . 19.50 29.39 23.75
H31 MPD O . 18.25 28.86 24.45
H31 MPD O . 15.64 27.94 24.35
H32 MPD O . 17.26 30.20 23.98
H32 MPD O . 16.93 26.89 23.80
H4 MPD O . 18.48 28.19 22.62
H4 MPD O . 16.19 27.25 26.36
HO4 MPD O . 17.10 26.87 22.00
HO4 MPD O . 18.28 26.21 26.74
H51 MPD O . 17.53 29.58 20.61
H51 MPD O . 17.05 29.51 26.64
H52 MPD O . 17.35 30.76 21.93
H52 MPD O . 18.63 28.90 25.99
H53 MPD O . 18.93 30.02 21.61
H53 MPD O . 17.95 28.27 27.48
C1 MPD P . -24.17 10.47 11.40
C1 MPD P . -25.98 11.37 7.27
C2 MPD P . -23.63 10.96 10.07
C2 MPD P . -25.75 10.52 8.51
O2 MPD P . -22.99 9.86 9.39
O2 MPD P . -25.65 9.14 8.14
CM MPD P . -22.58 12.04 10.28
CM MPD P . -26.93 10.63 9.47
C3 MPD P . -24.77 11.47 9.16
C3 MPD P . -24.44 10.91 9.20
C4 MPD P . -25.94 10.51 8.98
C4 MPD P . -24.42 10.59 10.67
O4 MPD P . -27.03 11.19 8.33
O4 MPD P . -23.88 9.27 10.81
C5 MPD P . -25.59 9.25 8.23
C5 MPD P . -23.64 11.57 11.48
H11 MPD P . -25.14 10.92 11.59
H11 MPD P . -26.25 10.74 6.44
H12 MPD P . -23.48 10.73 12.20
H12 MPD P . -26.80 12.08 7.46
H13 MPD P . -24.29 9.39 11.37
H13 MPD P . -25.07 11.92 7.03
HO2 MPD P . -23.08 9.97 8.42
HO2 MPD P . -24.80 8.77 8.47
HM1 MPD P . -22.71 12.82 9.53
HM1 MPD P . -26.93 9.79 10.16
HM2 MPD P . -21.59 11.61 10.19
HM2 MPD P . -27.85 10.61 8.90
HM3 MPD P . -22.71 12.49 11.26
HM3 MPD P . -26.88 11.58 10.02
H31 MPD P . -24.35 11.71 8.19
H31 MPD P . -24.27 11.98 9.07
H32 MPD P . -25.14 12.40 9.58
H32 MPD P . -23.61 10.40 8.71
H4 MPD P . -26.29 10.20 9.96
H4 MPD P . -25.38 10.60 11.15
HO4 MPD P . -26.90 11.16 7.35
HO4 MPD P . -24.03 8.95 11.74
H51 MPD P . -25.34 8.47 8.94
H51 MPD P . -22.95 11.04 12.13
H52 MPD P . -24.75 9.43 7.57
H52 MPD P . -24.32 12.16 12.10
H53 MPD P . -26.44 8.94 7.63
H53 MPD P . -23.07 12.23 10.83
C1 MPD Q . 9.74 32.78 18.34
C1 MPD Q . 10.27 35.35 18.34
C2 MPD Q . 9.66 34.28 18.67
C2 MPD Q . 10.48 34.07 19.13
O2 MPD Q . 8.50 34.80 17.96
O2 MPD Q . 11.88 33.95 19.39
CM MPD Q . 10.89 35.02 18.16
CM MPD Q . 10.04 32.86 18.33
C3 MPD Q . 9.41 34.50 20.16
C3 MPD Q . 9.74 34.13 20.47
C4 MPD Q . 9.88 35.80 20.74
C4 MPD Q . 9.43 35.55 20.89
O4 MPD Q . 9.17 36.00 21.97
O4 MPD Q . 8.46 35.53 21.93
C5 MPD Q . 11.35 35.85 21.02
C5 MPD Q . 10.65 36.28 21.35
H11 MPD Q . 9.56 32.20 19.24
H11 MPD Q . 10.73 35.21 17.36
H12 MPD Q . 9.00 32.54 17.59
H12 MPD Q . 10.77 36.20 18.81
H13 MPD Q . 10.73 32.56 17.95
H13 MPD Q . 9.21 35.55 18.19
HO2 MPD Q . 7.90 35.26 18.59
HO2 MPD Q . 12.06 33.87 20.35
HM1 MPD Q . 10.98 34.86 17.08
HM1 MPD Q . 9.46 32.18 18.96
HM2 MPD Q . 10.81 36.08 18.34
HM2 MPD Q . 10.91 32.33 17.96
HM3 MPD Q . 11.78 34.63 18.65
HM3 MPD Q . 9.42 33.18 17.49
H31 MPD Q . 9.90 33.70 20.71
H31 MPD Q . 10.40 33.74 21.22
H32 MPD Q . 8.35 34.39 20.36
H32 MPD Q . 8.84 33.54 20.45
H4 MPD Q . 9.63 36.61 20.05
H4 MPD Q . 8.96 36.12 20.11
HO4 MPD Q . 8.23 36.17 21.77
HO4 MPD Q . 7.79 36.22 21.76
H51 MPD Q . 11.51 36.00 22.09
H51 MPD Q . 10.57 36.49 22.42
H52 MPD Q . 11.81 36.65 20.44
H52 MPD Q . 11.55 35.68 21.17
H53 MPD Q . 11.80 34.90 20.74
H53 MPD Q . 10.74 37.22 20.80
CL CL R . 15.27 -21.17 -21.58
NA NA S . 25.51 -25.02 -5.90
NA NA T . 5.98 7.31 -24.72
P PO4 U . 31.01 7.22 -19.44
O1 PO4 U . 30.20 5.92 -19.57
O2 PO4 U . 30.11 8.42 -19.73
O3 PO4 U . 31.57 7.32 -18.02
O4 PO4 U . 32.16 7.19 -20.43
P PO4 V . 44.97 -11.49 -9.53
O1 PO4 V . 43.82 -12.49 -9.61
O2 PO4 V . 45.06 -10.69 -10.81
O3 PO4 V . 46.28 -12.27 -9.31
O4 PO4 V . 44.76 -10.54 -8.35
P PO4 W . 4.08 -8.81 -0.26
O1 PO4 W . 3.09 -8.87 -1.44
O2 PO4 W . 4.16 -10.18 0.42
O3 PO4 W . 3.61 -7.76 0.75
O4 PO4 W . 5.46 -8.42 -0.77
C1 MPD X . 15.03 -14.77 -30.48
C2 MPD X . 15.57 -13.48 -29.93
O2 MPD X . 14.57 -12.46 -30.01
CM MPD X . 16.78 -13.07 -30.75
C3 MPD X . 15.90 -13.68 -28.43
C4 MPD X . 16.21 -12.53 -27.59
O4 MPD X . 15.13 -11.62 -27.55
C5 MPD X . 16.70 -12.89 -26.21
H11 MPD X . 14.52 -15.33 -29.69
H12 MPD X . 14.31 -14.55 -31.27
H13 MPD X . 15.83 -15.38 -30.88
HO2 MPD X . 14.26 -12.23 -29.11
HM1 MPD X . 17.66 -13.05 -30.11
HM2 MPD X . 16.62 -12.08 -31.16
HM3 MPD X . 16.95 -13.78 -31.57
H31 MPD X . 15.05 -14.18 -27.97
H32 MPD X . 16.73 -14.37 -28.37
H4 MPD X . 17.04 -12.02 -28.08
HO4 MPD X . 15.20 -11.08 -26.73
H51 MPD X . 16.90 -11.99 -25.64
H52 MPD X . 17.60 -13.51 -26.29
H53 MPD X . 15.92 -13.46 -25.71
C1 MPD Y . 10.56 -16.26 -24.68
C1 MPD Y . 10.85 -17.07 -25.41
C2 MPD Y . 11.35 -15.69 -25.85
C2 MPD Y . 11.23 -15.67 -25.82
O2 MPD Y . 10.52 -14.91 -26.72
O2 MPD Y . 10.01 -15.05 -26.24
CM MPD Y . 11.83 -16.83 -26.74
CM MPD Y . 12.23 -15.68 -26.96
C3 MPD Y . 12.52 -14.85 -25.36
C3 MPD Y . 11.76 -14.88 -24.63
C4 MPD Y . 12.20 -13.47 -25.03
C4 MPD Y . 11.63 -13.41 -24.68
O4 MPD Y . 11.31 -12.88 -25.96
O4 MPD Y . 10.26 -13.06 -24.45
C5 MPD Y . 11.57 -13.45 -23.67
C5 MPD Y . 12.51 -12.59 -23.76
H11 MPD Y . 10.52 -17.35 -24.76
H11 MPD Y . 11.32 -17.32 -24.45
H12 MPD Y . 9.55 -15.87 -24.70
H12 MPD Y . 11.17 -17.79 -26.17
H13 MPD Y . 11.04 -16.01 -23.74
H13 MPD Y . 9.76 -17.14 -25.29
HO2 MPD Y . 11.03 -14.14 -27.06
HO2 MPD Y . 9.63 -14.50 -25.52
HM1 MPD Y . 12.73 -16.51 -27.28
HM1 MPD Y . 12.95 -14.87 -26.81
HM2 MPD Y . 12.08 -17.70 -26.14
HM2 MPD Y . 12.77 -16.63 -26.96
HM3 MPD Y . 11.05 -17.09 -27.45
HM3 MPD Y . 11.71 -15.54 -27.91
H31 MPD Y . 12.97 -15.33 -24.48
H31 MPD Y . 12.82 -15.13 -24.50
H32 MPD Y . 13.29 -14.83 -26.13
H32 MPD Y . 11.25 -15.23 -23.73
H4 MPD Y . 13.13 -12.90 -24.99
H4 MPD Y . 11.88 -13.11 -25.70
HO4 MPD Y . 10.67 -12.31 -25.49
HO4 MPD Y . 10.02 -12.31 -25.03
H51 MPD Y . 11.45 -12.41 -23.36
H51 MPD Y . 11.90 -11.94 -23.13
H52 MPD Y . 10.59 -13.91 -23.71
H52 MPD Y . 13.19 -11.98 -24.35
H53 MPD Y . 12.20 -13.98 -22.95
H53 MPD Y . 13.10 -13.27 -23.12
C1 MPD Z . 29.13 -14.56 -30.35
C1 MPD Z . 27.74 -14.59 -30.33
C2 MPD Z . 28.58 -14.52 -31.76
C2 MPD Z . 27.98 -14.19 -31.78
O2 MPD Z . 28.52 -13.12 -32.09
O2 MPD Z . 28.18 -12.78 -31.84
CM MPD Z . 27.14 -15.03 -31.77
CM MPD Z . 26.76 -14.47 -32.64
C3 MPD Z . 29.46 -15.29 -32.74
C3 MPD Z . 29.22 -14.87 -32.33
C4 MPD Z . 29.94 -14.57 -33.97
C4 MPD Z . 29.24 -14.89 -33.84
O4 MPD Z . 30.75 -13.47 -33.63
O4 MPD Z . 29.02 -13.57 -34.33
C5 MPD Z . 30.66 -15.44 -34.99
C5 MPD Z . 30.55 -15.39 -34.37
H11 MPD Z . 28.33 -14.42 -29.63
H11 MPD Z . 28.58 -15.17 -29.97
H12 MPD Z . 29.87 -13.76 -30.23
H12 MPD Z . 26.83 -15.19 -30.26
H13 MPD Z . 29.61 -15.52 -30.18
H13 MPD Z . 27.63 -13.70 -29.72
HO2 MPD Z . 29.38 -12.83 -32.47
HO2 MPD Z . 29.04 -12.58 -32.25
HM1 MPD Z . 26.98 -15.71 -32.61
HM1 MPD Z . 26.77 -15.51 -32.97
HM2 MPD Z . 26.46 -14.19 -31.84
HM2 MPD Z . 26.76 -13.81 -33.51
HM3 MPD Z . 26.95 -15.57 -30.83
HM3 MPD Z . 25.85 -14.29 -32.06
H31 MPD Z . 30.34 -15.62 -32.21
H31 MPD Z . 29.25 -15.90 -31.97
H32 MPD Z . 28.94 -16.19 -33.06
H32 MPD Z . 30.10 -14.35 -31.97
H4 MPD Z . 29.05 -14.19 -34.47
H4 MPD Z . 28.46 -15.57 -34.22
HO4 MPD Z . 30.60 -12.75 -34.28
HO4 MPD Z . 29.35 -13.50 -35.26
H51 MPD Z . 31.66 -15.04 -35.16
H51 MPD Z . 31.01 -14.63 -34.98
H52 MPD Z . 30.75 -16.47 -34.60
H52 MPD Z . 31.21 -15.63 -33.52
H53 MPD Z . 30.10 -15.45 -35.92
H53 MPD Z . 30.39 -16.29 -34.96
C1 MPD AA . 26.36 -15.36 -36.69
C1 MPD AA . 24.20 -14.34 -36.43
C2 MPD AA . 25.45 -16.44 -36.13
C2 MPD AA . 23.67 -15.61 -35.79
O2 MPD AA . 26.23 -17.62 -35.93
O2 MPD AA . 22.64 -16.09 -36.68
CM MPD AA . 24.34 -16.75 -37.12
CM MPD AA . 23.04 -15.24 -34.44
C3 MPD AA . 24.83 -15.99 -34.82
C3 MPD AA . 24.79 -16.64 -35.59
C4 MPD AA . 23.71 -15.05 -35.17
C4 MPD AA . 25.73 -16.86 -36.73
O4 MPD AA . 24.18 -14.27 -36.26
O4 MPD AA . 26.44 -15.70 -37.08
C5 MPD AA . 22.44 -15.77 -35.56
C5 MPD AA . 26.69 -17.97 -36.50
H11 MPD AA . 26.36 -14.48 -36.04
H11 MPD AA . 25.27 -14.25 -36.32
H12 MPD AA . 26.08 -15.09 -37.69
H12 MPD AA . 23.78 -13.50 -35.89
H13 MPD AA . 27.37 -15.76 -36.68
H13 MPD AA . 23.91 -14.30 -37.48
HO2 MPD AA . 25.98 -18.04 -35.09
HO2 MPD AA . 22.86 -16.99 -36.98
HM1 MPD AA . 23.63 -17.46 -36.74
HM1 MPD AA . 23.16 -16.08 -33.76
HM2 MPD AA . 23.89 -15.87 -37.60
HM2 MPD AA . 23.52 -14.36 -34.01
HM3 MPD AA . 24.85 -17.26 -37.94
HM3 MPD AA . 21.97 -15.04 -34.58
H31 MPD AA . 25.56 -15.47 -34.20
H31 MPD AA . 25.38 -16.34 -34.73
H32 MPD AA . 24.44 -16.84 -34.26
H32 MPD AA . 24.33 -17.59 -35.33
H4 MPD AA . 23.50 -14.41 -34.31
H4 MPD AA . 25.12 -17.14 -37.58
HO4 MPD AA . 23.81 -13.37 -36.21
HO4 MPD AA . 27.27 -15.94 -37.54
H51 MPD AA . 22.49 -16.82 -35.33
H51 MPD AA . 26.28 -18.64 -35.74
H52 MPD AA . 22.18 -15.59 -36.60
H52 MPD AA . 26.85 -18.52 -37.42
H53 MPD AA . 21.65 -15.35 -34.96
H53 MPD AA . 27.63 -17.56 -36.15
C1 MPD BA . 22.56 17.62 0.18
C2 MPD BA . 21.35 18.49 -0.12
O2 MPD BA . 20.16 17.92 0.48
CM MPD BA . 21.14 18.59 -1.63
C3 MPD BA . 21.57 19.88 0.48
C4 MPD BA . 20.35 20.76 0.68
O4 MPD BA . 19.69 20.43 1.92
C5 MPD BA . 20.72 22.22 0.66
H11 MPD BA . 23.42 18.25 0.43
H12 MPD BA . 22.81 16.99 -0.68
H13 MPD BA . 22.34 16.98 1.03
HO2 MPD BA . 19.91 18.43 1.28
HM1 MPD BA . 20.90 19.62 -1.89
HM2 MPD BA . 22.03 18.29 -2.16
HM3 MPD BA . 20.30 17.94 -1.92
H31 MPD BA . 22.05 19.76 1.44
H32 MPD BA . 22.27 20.41 -0.15
H4 MPD BA . 19.66 20.58 -0.15
HO4 MPD BA . 18.74 20.65 1.85
H51 MPD BA . 20.22 22.74 1.49
H52 MPD BA . 21.80 22.34 0.78
H53 MPD BA . 20.40 22.67 -0.28
C1 MPD CA . 19.55 -6.60 -34.88
C1 MPD CA . 23.10 -8.07 -35.02
C2 MPD CA . 20.66 -7.04 -33.94
C2 MPD CA . 23.40 -6.72 -34.38
O2 MPD CA . 20.77 -8.46 -34.09
O2 MPD CA . 22.95 -5.70 -35.30
CM MPD CA . 20.29 -6.77 -32.48
CM MPD CA . 24.90 -6.50 -34.18
C3 MPD CA . 21.99 -6.38 -34.29
C3 MPD CA . 22.66 -6.54 -33.05
C4 MPD CA . 22.84 -7.15 -35.27
C4 MPD CA . 21.30 -5.85 -33.07
O4 MPD CA . 22.78 -6.53 -36.54
O4 MPD CA . 20.76 -5.81 -34.41
C5 MPD CA . 24.26 -7.27 -34.82
C5 MPD CA . 20.32 -6.50 -32.13
H11 MPD CA . 19.96 -5.94 -35.65
H11 MPD CA . 22.34 -8.59 -34.44
H12 MPD CA . 19.11 -7.48 -35.36
H12 MPD CA . 22.73 -7.90 -36.02
H13 MPD CA . 18.77 -6.07 -34.33
H13 MPD CA . 24.00 -8.68 -35.06
HO2 MPD CA . 21.64 -8.76 -33.72
HO2 MPD CA . 22.67 -4.90 -34.80
HM1 MPD CA . 21.19 -6.65 -31.87
HM1 MPD CA . 25.11 -6.12 -33.20
HM2 MPD CA . 19.70 -7.59 -32.09
HM2 MPD CA . 25.44 -7.44 -34.33
HM3 MPD CA . 19.71 -5.84 -32.42
HM3 MPD CA . 25.24 -5.78 -34.93
H31 MPD CA . 22.57 -6.22 -33.38
H31 MPD CA . 22.54 -7.52 -32.59
H32 MPD CA . 21.80 -5.38 -34.70
H32 MPD CA . 23.28 -5.96 -32.36
H4 MPD CA . 22.45 -8.17 -35.38
H4 MPD CA . 21.46 -4.83 -32.73
HO4 MPD CA . 21.84 -6.41 -36.81
HO4 MPD CA . 20.07 -5.12 -34.45
H51 MPD CA . 24.92 -7.17 -35.68
H51 MPD CA . 19.61 -7.10 -32.69
H52 MPD CA . 24.50 -6.48 -34.11
H52 MPD CA . 20.84 -7.12 -31.41
H53 MPD CA . 24.43 -8.23 -34.35
H53 MPD CA . 19.79 -5.72 -31.59
CL CL DA . -30.49 -9.55 11.65
NA NA EA . -21.65 -26.59 12.59
NA NA FA . -22.35 8.33 -10.93
P PO4 GA . -28.60 -37.26 -7.60
O1 PO4 GA . -28.15 -38.48 -8.41
O2 PO4 GA . -29.88 -36.70 -8.20
O3 PO4 GA . -28.86 -37.68 -6.15
O4 PO4 GA . -27.49 -36.20 -7.64
P PO4 HA . -27.60 -14.96 -20.14
O1 PO4 HA . -28.75 -15.62 -20.92
O2 PO4 HA . -26.31 -15.77 -20.35
O3 PO4 HA . -27.94 -14.92 -18.65
O4 PO4 HA . -27.39 -13.53 -20.65
C1 MPD IA . -3.20 -11.59 -23.87
C2 MPD IA . -3.84 -12.17 -25.13
O2 MPD IA . -5.27 -12.20 -25.01
CM MPD IA . -3.44 -13.62 -25.33
C3 MPD IA . -3.52 -11.31 -26.34
C4 MPD IA . -2.18 -11.59 -26.95
O4 MPD IA . -2.13 -10.97 -28.25
C5 MPD IA . -1.03 -11.15 -26.08
H11 MPD IA . -3.02 -10.53 -24.00
H12 MPD IA . -3.87 -11.74 -23.02
H13 MPD IA . -2.26 -12.09 -23.66
HO2 MPD IA . -5.67 -11.59 -25.66
HM1 MPD IA . -3.61 -13.91 -26.35
HM2 MPD IA . -4.03 -14.26 -24.67
HM3 MPD IA . -2.38 -13.74 -25.09
H31 MPD IA . -3.58 -10.26 -26.06
H32 MPD IA . -4.28 -11.48 -27.11
H4 MPD IA . -2.07 -12.66 -27.11
HO4 MPD IA . -1.86 -11.63 -28.90
H51 MPD IA . -0.64 -12.01 -25.53
H52 MPD IA . -1.35 -10.39 -25.37
H53 MPD IA . -0.24 -10.74 -26.71
C1 MPD JA . -42.29 -7.39 -5.89
C1 MPD JA . -42.24 -4.45 -7.38
C2 MPD JA . -41.85 -6.07 -5.28
C2 MPD JA . -41.43 -5.36 -6.46
O2 MPD JA . -42.65 -5.89 -4.11
O2 MPD JA . -42.08 -5.31 -5.18
CM MPD JA . -42.11 -4.92 -6.24
CM MPD JA . -41.49 -6.82 -6.93
C3 MPD JA . -40.39 -6.09 -4.83
C3 MPD JA . -39.98 -4.87 -6.30
C4 MPD JA . -39.93 -4.75 -4.33
C4 MPD JA . -39.56 -4.59 -4.87
O4 MPD JA . -40.55 -4.50 -3.06
O4 MPD JA . -38.14 -4.65 -4.74
C5 MPD JA . -38.44 -4.61 -4.23
C5 MPD JA . -40.08 -3.29 -4.31
H11 MPD JA . -41.52 -8.14 -5.70
H11 MPD JA . -41.80 -3.45 -7.39
H12 MPD JA . -42.42 -7.28 -6.96
H12 MPD JA . -42.23 -4.86 -8.39
H13 MPD JA . -43.23 -7.71 -5.43
H13 MPD JA . -43.27 -4.40 -7.01
HO2 MPD JA . -42.07 -5.80 -3.31
HO2 MPD JA . -41.70 -5.98 -4.57
HM1 MPD JA . -41.20 -4.70 -6.81
HM1 MPD JA . -40.55 -7.10 -7.41
HM2 MPD JA . -42.91 -5.18 -6.94
HM2 MPD JA . -42.31 -6.94 -7.63
HM3 MPD JA . -42.40 -4.03 -5.68
HM3 MPD JA . -41.65 -7.46 -6.07
H31 MPD JA . -39.75 -6.43 -5.64
H31 MPD JA . -39.84 -3.96 -6.88
H32 MPD JA . -40.32 -6.80 -4.02
H32 MPD JA . -39.29 -5.61 -6.70
H4 MPD JA . -40.24 -3.96 -5.02
H4 MPD JA . -39.95 -5.39 -4.23
HO4 MPD JA . -40.01 -4.89 -2.35
HO4 MPD JA . -37.90 -5.24 -4.00
H51 MPD JA . -38.16 -4.32 -3.21
H51 MPD JA . -39.24 -2.68 -3.96
H52 MPD JA . -37.97 -5.57 -4.47
H52 MPD JA . -40.61 -2.74 -5.09
H53 MPD JA . -38.09 -3.85 -4.93
H53 MPD JA . -40.75 -3.48 -3.47
#